data_7P4J
#
_entry.id   7P4J
#
_cell.length_a   53.705
_cell.length_b   60.979
_cell.length_c   63.603
_cell.angle_alpha   103.154
_cell.angle_beta   97.394
_cell.angle_gamma   94.228
#
_symmetry.space_group_name_H-M   'P 1'
#
loop_
_entity.id
_entity.type
_entity.pdbx_description
1 polymer 'Ectonucleotide pyrophosphatase/phosphodiesterase family member 2'
2 branched 2-acetamido-2-deoxy-beta-D-glucopyranose-(1-4)-2-acetamido-2-deoxy-beta-D-glucopyranose
3 non-polymer 'ZINC ION'
4 non-polymer (6aR,10aR)-6,6,9-trimethyl-3-pentyl-6a,7,8,10a-tetrahydro-6H-benzo[c]chromen-1-ol
5 non-polymer 7alpha-hydroxycholesterol
6 non-polymer 'IODIDE ION'
7 non-polymer 'THIOCYANATE ION'
8 non-polymer GLYCEROL
9 non-polymer 'PHOSPHATE ION'
10 non-polymer 'CALCIUM ION'
11 non-polymer 'SODIUM ION'
12 water water
#
_entity_poly.entity_id   1
_entity_poly.type   'polypeptide(L)'
_entity_poly.pdbx_seq_one_letter_code
;AEWDEGPPTVLSDSPWTNTSGSCKGRCFELQEVGPPDCRCDNLCKSYSSCCHDFDELCLKTARGWECTKDRCGEVRNEEN
ACHCSEDCLSRGDCCTNYQVVCKGESHWVDDDCEEIKVPECPAGFVRPPLIIFSVDGFRASYMKKGSKVMPNIEKLRSCG
THAPYMRPVYPTKTFPNLYTLATGLYPESHGIVGNSMYDPVFDASFHLRGREKFNHRWWGGQPLWITATKQGVRAGTFFW
SVSIPHERRILTILQWLSLPDNERPSVYAFYSEQPDFSGHKYGPFGPEMTNPLREIDKTVGQLMDGLKQLRLHRCVNVIF
VGDHGMEDVTCDRTEFLSNYLTNVDDITLVPGTLGRIRAKSINNSKYDPKTIIAALTCKKPDQHFKPYMKQHLPKRLHYA
NNRRIEDIHLLVDRRWHVARKPLDVYKKPSGKCFFQGDHGFDNKVNSMQTVFVGYGPTFKYRTKVPPFENIELYNVMCDL
LGLKPAPNNGTHGSLNHLLRTNTFRPTMPDEVSRPNYPGIMYLQSEFDLGCTCDDKVEPKNKLEEFNKRLHTKGSTKERH
LLYGRPAVLYRTSYDILYHTDFESGYSEIFLMPLWTSYTISKQAEVSSIPEHLTNCVRPDVRVSPGFSQNCLAYKNDKQM
SYGFLFPPYLSSSPEAKYDAFLVTNMVPMYPAFKRVWAYFQRVLVKKYASERNGVNVISGPIFDYNYDGLRDTEDEIKQY
VEGSSIPVPTHYYSIITSCLDFTQPADKCDGPLSVSSFILPHRPDNDESCASSEDESKWVEELMKMHTARVRDIEHLTGL
DFYRKTSRSYSEILTLKTYLHTYESEI
;
_entity_poly.pdbx_strand_id   A
#
loop_
_chem_comp.id
_chem_comp.type
_chem_comp.name
_chem_comp.formula
5JK non-polymer 7alpha-hydroxycholesterol 'C27 H46 O2'
CA non-polymer 'CALCIUM ION' 'Ca 2'
GOL non-polymer GLYCEROL 'C3 H8 O3'
IOD non-polymer 'IODIDE ION' 'I -1'
NA non-polymer 'SODIUM ION' 'Na 1'
NAG D-saccharide, beta linking 2-acetamido-2-deoxy-beta-D-glucopyranose 'C8 H15 N O6'
PO4 non-polymer 'PHOSPHATE ION' 'O4 P -3'
SCN non-polymer 'THIOCYANATE ION' 'C N S -1'
TCI non-polymer (6aR,10aR)-6,6,9-trimethyl-3-pentyl-6a,7,8,10a-tetrahydro-6H-benzo[c]chromen-1-ol 'C21 H30 O2'
ZN non-polymer 'ZINC ION' 'Zn 2'
#
# COMPACT_ATOMS: atom_id res chain seq x y z
N GLY A 21 -32.33 27.97 -18.97
CA GLY A 21 -31.56 29.12 -18.49
C GLY A 21 -31.63 29.25 -16.98
N SER A 22 -32.43 28.38 -16.36
CA SER A 22 -32.67 28.42 -14.92
C SER A 22 -32.37 27.06 -14.31
N CYS A 23 -31.90 27.10 -13.07
CA CYS A 23 -31.68 25.91 -12.25
C CYS A 23 -32.95 25.49 -11.48
N LYS A 24 -34.12 26.01 -11.85
CA LYS A 24 -35.32 25.75 -11.05
C LYS A 24 -35.61 24.25 -10.98
N GLY A 25 -35.73 23.75 -9.75
CA GLY A 25 -36.07 22.35 -9.56
C GLY A 25 -35.07 21.37 -10.14
N ARG A 26 -33.79 21.77 -10.24
CA ARG A 26 -32.76 20.81 -10.64
C ARG A 26 -31.42 21.15 -10.03
N CYS A 27 -31.42 21.70 -8.82
CA CYS A 27 -30.18 21.94 -8.11
C CYS A 27 -29.44 20.64 -7.91
N PHE A 28 -28.13 20.64 -8.21
CA PHE A 28 -27.25 19.49 -7.99
C PHE A 28 -27.76 18.26 -8.73
N GLU A 29 -28.19 18.47 -9.97
CA GLU A 29 -28.73 17.40 -10.79
C GLU A 29 -27.67 16.34 -11.04
N LEU A 30 -28.13 15.09 -11.18
CA LEU A 30 -27.24 13.96 -11.43
C LEU A 30 -27.14 13.66 -12.93
N CYS A 38 -27.10 25.38 -19.61
CA CYS A 38 -26.38 25.90 -18.45
C CYS A 38 -26.45 24.93 -17.27
N ARG A 39 -25.34 24.80 -16.55
CA ARG A 39 -25.14 23.72 -15.59
C ARG A 39 -25.62 24.07 -14.20
N CYS A 40 -26.14 23.05 -13.49
CA CYS A 40 -26.60 23.20 -12.12
C CYS A 40 -25.98 22.15 -11.20
N ASP A 41 -24.89 21.52 -11.64
CA ASP A 41 -24.28 20.40 -10.93
C ASP A 41 -23.24 20.88 -9.92
N ASN A 42 -22.81 19.92 -9.08
CA ASN A 42 -21.85 20.17 -8.01
C ASN A 42 -20.63 20.95 -8.46
N LEU A 43 -20.24 20.80 -9.72
CA LEU A 43 -19.00 21.37 -10.21
C LEU A 43 -19.20 22.54 -11.16
N CYS A 44 -20.45 22.96 -11.38
CA CYS A 44 -20.69 24.01 -12.36
C CYS A 44 -19.89 25.26 -12.04
N LYS A 45 -19.62 25.50 -10.75
CA LYS A 45 -18.83 26.65 -10.35
C LYS A 45 -17.34 26.47 -10.59
N SER A 46 -16.88 25.24 -10.83
CA SER A 46 -15.46 24.95 -10.65
C SER A 46 -14.60 25.68 -11.67
N TYR A 47 -14.85 25.47 -12.96
CA TYR A 47 -14.48 26.48 -13.96
C TYR A 47 -15.80 26.93 -14.58
N SER A 48 -16.29 28.06 -14.08
CA SER A 48 -17.72 28.32 -13.84
C SER A 48 -18.54 28.19 -15.12
N SER A 49 -19.83 27.93 -14.90
CA SER A 49 -20.75 27.53 -15.96
C SER A 49 -22.17 27.40 -15.41
N CYS A 50 -22.42 27.92 -14.21
CA CYS A 50 -23.75 27.76 -13.63
C CYS A 50 -24.74 28.74 -14.27
N CYS A 51 -26.00 28.31 -14.38
CA CYS A 51 -27.06 29.24 -14.73
C CYS A 51 -27.03 30.42 -13.76
N HIS A 52 -27.53 31.57 -14.24
CA HIS A 52 -27.48 32.79 -13.43
C HIS A 52 -28.05 32.57 -12.03
N ASP A 53 -29.18 31.86 -11.93
CA ASP A 53 -29.88 31.74 -10.65
C ASP A 53 -29.40 30.58 -9.79
N PHE A 54 -28.15 30.13 -9.96
CA PHE A 54 -27.68 28.98 -9.18
C PHE A 54 -27.47 29.35 -7.72
N ASP A 55 -26.91 30.53 -7.44
CA ASP A 55 -26.64 30.91 -6.06
C ASP A 55 -27.90 31.19 -5.23
N GLU A 56 -29.05 31.52 -5.85
CA GLU A 56 -30.30 31.60 -5.09
C GLU A 56 -30.93 30.24 -4.88
N LEU A 57 -31.40 29.64 -5.97
CA LEU A 57 -32.16 28.40 -5.88
C LEU A 57 -31.37 27.34 -5.14
N CYS A 58 -30.07 27.27 -5.39
CA CYS A 58 -29.29 26.10 -5.00
C CYS A 58 -28.34 26.32 -3.84
N LEU A 59 -27.93 27.56 -3.57
CA LEU A 59 -27.02 27.81 -2.47
C LEU A 59 -27.70 28.71 -1.43
N LYS A 60 -28.89 28.34 -1.00
CA LYS A 60 -29.57 29.05 0.06
C LYS A 60 -28.81 28.87 1.37
N THR A 61 -28.87 29.89 2.22
CA THR A 61 -28.07 29.84 3.44
C THR A 61 -28.70 30.49 4.66
N ALA A 62 -29.82 31.21 4.46
CA ALA A 62 -30.45 31.92 5.57
C ALA A 62 -30.79 30.98 6.72
N ARG A 63 -30.55 31.43 7.95
CA ARG A 63 -30.75 30.74 9.23
C ARG A 63 -29.66 29.72 9.52
N GLY A 64 -28.68 29.56 8.65
CA GLY A 64 -27.71 28.56 9.04
C GLY A 64 -28.26 27.17 8.75
N TRP A 65 -27.69 26.18 9.43
CA TRP A 65 -27.90 24.80 9.04
C TRP A 65 -28.62 23.96 10.08
N GLU A 66 -28.89 24.47 11.27
CA GLU A 66 -29.58 23.67 12.28
C GLU A 66 -30.88 24.34 12.70
N CYS A 67 -31.82 23.52 13.17
CA CYS A 67 -33.09 24.04 13.67
C CYS A 67 -32.93 24.59 15.09
N THR A 68 -33.54 25.73 15.32
CA THR A 68 -33.75 26.27 16.65
C THR A 68 -35.11 25.83 17.17
N LYS A 69 -35.22 25.66 18.49
CA LYS A 69 -36.55 25.45 19.06
C LYS A 69 -37.45 26.64 18.80
N ASP A 70 -36.88 27.78 18.39
CA ASP A 70 -37.67 28.94 18.06
C ASP A 70 -38.38 28.83 16.71
N ARG A 71 -37.87 28.00 15.79
CA ARG A 71 -38.48 27.92 14.47
C ARG A 71 -39.19 26.58 14.23
N CYS A 72 -39.39 25.79 15.28
CA CYS A 72 -40.14 24.54 15.16
C CYS A 72 -41.57 24.83 14.73
N GLY A 73 -42.03 24.08 13.72
CA GLY A 73 -43.36 24.28 13.20
C GLY A 73 -43.53 25.53 12.36
N GLU A 74 -42.44 26.06 11.83
CA GLU A 74 -42.45 27.33 11.12
C GLU A 74 -43.32 27.25 9.87
N VAL A 75 -43.55 28.43 9.29
CA VAL A 75 -44.14 28.53 7.97
C VAL A 75 -42.99 28.61 6.97
N ARG A 76 -42.99 27.68 6.01
CA ARG A 76 -41.96 27.58 4.99
C ARG A 76 -41.56 28.95 4.45
N ASN A 77 -40.28 29.28 4.61
CA ASN A 77 -39.68 30.46 4.02
C ASN A 77 -38.68 29.95 2.98
N GLU A 78 -38.98 30.20 1.70
CA GLU A 78 -38.14 29.62 0.65
C GLU A 78 -36.75 30.23 0.57
N GLU A 79 -36.34 31.12 1.47
CA GLU A 79 -34.97 31.58 1.49
C GLU A 79 -34.08 30.78 2.45
N ASN A 80 -34.67 29.98 3.33
CA ASN A 80 -33.88 29.31 4.36
C ASN A 80 -33.02 28.18 3.78
N ALA A 81 -31.87 27.96 4.43
CA ALA A 81 -30.96 26.90 3.99
C ALA A 81 -31.60 25.53 4.10
N CYS A 82 -32.19 25.24 5.26
CA CYS A 82 -32.99 24.04 5.49
C CYS A 82 -34.20 24.44 6.31
N HIS A 83 -35.13 23.51 6.49
CA HIS A 83 -36.46 23.85 6.95
C HIS A 83 -36.83 23.10 8.21
N CYS A 84 -37.57 23.78 9.07
CA CYS A 84 -38.10 23.22 10.31
C CYS A 84 -39.64 23.30 10.35
N SER A 85 -40.27 23.59 9.22
CA SER A 85 -41.70 23.43 9.09
C SER A 85 -42.06 21.95 9.12
N GLU A 86 -43.31 21.65 9.46
CA GLU A 86 -43.66 20.23 9.50
C GLU A 86 -43.88 19.65 8.12
N ASP A 87 -44.00 20.50 7.08
CA ASP A 87 -44.01 20.03 5.70
C ASP A 87 -42.63 19.62 5.19
N CYS A 88 -41.57 19.80 5.98
CA CYS A 88 -40.23 19.54 5.47
C CYS A 88 -39.97 18.06 5.29
N LEU A 89 -40.53 17.22 6.16
CA LEU A 89 -40.35 15.78 6.00
C LEU A 89 -41.04 15.28 4.73
N SER A 90 -42.13 15.92 4.32
CA SER A 90 -42.76 15.55 3.07
C SER A 90 -42.06 16.18 1.88
N ARG A 91 -41.56 17.41 2.05
CA ARG A 91 -40.81 18.11 1.02
C ARG A 91 -39.34 17.69 0.98
N GLY A 92 -38.89 16.95 1.99
CA GLY A 92 -37.55 16.39 2.00
C GLY A 92 -36.46 17.44 2.10
N ASP A 93 -36.60 18.39 3.04
CA ASP A 93 -35.61 19.44 3.18
C ASP A 93 -35.49 19.94 4.62
N CYS A 94 -35.76 19.09 5.61
CA CYS A 94 -35.51 19.49 6.99
C CYS A 94 -34.02 19.67 7.22
N CYS A 95 -33.68 20.49 8.22
CA CYS A 95 -32.35 20.45 8.79
C CYS A 95 -32.14 19.10 9.47
N THR A 96 -30.88 18.67 9.57
CA THR A 96 -30.61 17.32 10.06
C THR A 96 -30.97 17.14 11.53
N ASN A 97 -31.13 18.22 12.29
CA ASN A 97 -31.44 18.08 13.71
C ASN A 97 -32.92 18.32 14.01
N TYR A 98 -33.78 18.27 12.99
CA TYR A 98 -35.16 18.72 13.11
C TYR A 98 -35.96 17.82 14.05
N GLN A 99 -35.86 16.50 13.87
CA GLN A 99 -36.55 15.58 14.77
C GLN A 99 -36.05 15.73 16.20
N VAL A 100 -34.76 16.04 16.39
CA VAL A 100 -34.19 16.09 17.72
C VAL A 100 -34.71 17.32 18.47
N VAL A 101 -34.69 18.46 17.79
CA VAL A 101 -35.05 19.73 18.42
C VAL A 101 -36.55 19.95 18.41
N CYS A 102 -37.21 19.63 17.29
CA CYS A 102 -38.63 19.89 17.11
C CYS A 102 -39.52 18.70 17.42
N LYS A 103 -38.97 17.48 17.59
CA LYS A 103 -39.84 16.36 17.91
C LYS A 103 -39.34 15.47 19.03
N GLY A 104 -38.35 15.91 19.82
CA GLY A 104 -37.94 15.20 21.02
C GLY A 104 -37.12 13.93 20.83
N GLU A 105 -36.77 13.55 19.61
CA GLU A 105 -35.91 12.39 19.39
C GLU A 105 -34.48 12.68 19.86
N SER A 106 -33.71 11.61 20.08
CA SER A 106 -32.32 11.77 20.47
C SER A 106 -31.42 11.94 19.25
N HIS A 107 -30.24 12.50 19.49
CA HIS A 107 -29.16 12.47 18.49
C HIS A 107 -28.71 11.03 18.27
N TRP A 108 -28.28 10.72 17.03
CA TRP A 108 -27.86 9.36 16.74
C TRP A 108 -26.73 8.93 17.68
N VAL A 109 -25.84 9.88 18.01
CA VAL A 109 -24.69 9.56 18.86
C VAL A 109 -25.10 9.25 20.30
N ASP A 110 -26.29 9.65 20.70
CA ASP A 110 -26.72 9.36 22.06
C ASP A 110 -27.40 8.00 22.18
N ASP A 111 -27.71 7.34 21.06
CA ASP A 111 -28.21 5.99 21.11
C ASP A 111 -27.08 4.99 21.29
N ASP A 112 -27.38 3.92 22.00
CA ASP A 112 -26.43 2.81 22.14
C ASP A 112 -26.23 2.09 20.81
N CYS A 113 -25.09 1.40 20.70
CA CYS A 113 -24.88 0.49 19.57
C CYS A 113 -25.99 -0.55 19.55
N GLU A 114 -26.59 -0.76 18.39
CA GLU A 114 -27.46 -1.90 18.17
C GLU A 114 -26.95 -2.64 16.94
N GLU A 115 -26.71 -3.94 17.10
CA GLU A 115 -26.19 -4.72 15.99
C GLU A 115 -27.19 -4.71 14.83
N ILE A 116 -26.68 -4.45 13.63
CA ILE A 116 -27.49 -4.41 12.41
C ILE A 116 -27.24 -5.71 11.65
N LYS A 117 -28.11 -6.69 11.84
CA LYS A 117 -27.90 -7.99 11.21
C LYS A 117 -28.26 -7.98 9.73
N VAL A 118 -29.35 -7.29 9.36
CA VAL A 118 -29.71 -7.15 7.95
C VAL A 118 -29.90 -5.66 7.66
N PRO A 119 -29.76 -5.24 6.40
CA PRO A 119 -30.09 -3.85 6.07
C PRO A 119 -31.58 -3.61 6.25
N GLU A 120 -31.93 -2.58 7.00
CA GLU A 120 -33.33 -2.17 7.18
C GLU A 120 -33.58 -0.99 6.24
N CYS A 121 -33.84 -1.33 4.96
CA CYS A 121 -33.98 -0.38 3.87
C CYS A 121 -35.43 -0.37 3.37
N PRO A 122 -35.87 0.73 2.76
CA PRO A 122 -37.19 0.76 2.13
C PRO A 122 -37.33 -0.32 1.08
N ALA A 123 -38.60 -0.68 0.82
CA ALA A 123 -38.91 -1.86 0.02
C ALA A 123 -38.26 -1.80 -1.36
N GLY A 124 -38.24 -0.64 -1.98
CA GLY A 124 -37.70 -0.56 -3.33
C GLY A 124 -36.20 -0.48 -3.47
N PHE A 125 -35.44 -0.49 -2.37
CA PHE A 125 -33.98 -0.49 -2.46
C PHE A 125 -33.50 -1.84 -2.97
N VAL A 126 -32.61 -1.82 -3.95
CA VAL A 126 -32.06 -3.07 -4.48
C VAL A 126 -30.74 -3.47 -3.83
N ARG A 127 -30.01 -2.52 -3.25
CA ARG A 127 -28.77 -2.79 -2.54
C ARG A 127 -28.65 -1.72 -1.48
N PRO A 128 -28.03 -2.01 -0.34
CA PRO A 128 -27.79 -0.97 0.67
C PRO A 128 -26.86 0.08 0.12
N PRO A 129 -27.20 1.36 0.26
CA PRO A 129 -26.34 2.40 -0.29
C PRO A 129 -25.00 2.44 0.44
N LEU A 130 -23.99 2.98 -0.25
CA LEU A 130 -22.66 3.18 0.30
C LEU A 130 -22.34 4.67 0.35
N ILE A 131 -21.92 5.16 1.50
CA ILE A 131 -21.48 6.55 1.66
C ILE A 131 -20.02 6.53 2.09
N ILE A 132 -19.15 7.14 1.27
CA ILE A 132 -17.74 7.25 1.57
C ILE A 132 -17.46 8.64 2.13
N PHE A 133 -17.00 8.71 3.38
CA PHE A 133 -16.73 9.97 4.08
C PHE A 133 -15.22 10.07 4.19
N SER A 134 -14.58 10.79 3.29
CA SER A 134 -13.13 10.80 3.26
C SER A 134 -12.60 12.08 3.88
N VAL A 135 -11.54 11.96 4.68
CA VAL A 135 -10.97 13.06 5.44
C VAL A 135 -9.52 13.18 5.05
N ASP A 136 -9.11 14.39 4.71
CA ASP A 136 -7.75 14.60 4.25
C ASP A 136 -6.82 14.76 5.44
N GLY A 137 -5.75 13.97 5.48
CA GLY A 137 -4.72 14.16 6.49
C GLY A 137 -5.12 13.71 7.88
N PHE A 138 -6.03 12.76 8.00
CA PHE A 138 -6.48 12.26 9.31
C PHE A 138 -5.50 11.21 9.82
N ARG A 139 -4.57 11.63 10.67
CA ARG A 139 -3.64 10.71 11.29
C ARG A 139 -4.39 9.71 12.17
N ALA A 140 -3.96 8.43 12.12
CA ALA A 140 -4.62 7.40 12.93
C ALA A 140 -4.62 7.77 14.41
N SER A 141 -3.52 8.35 14.90
CA SER A 141 -3.37 8.75 16.30
C SER A 141 -4.46 9.71 16.77
N TYR A 142 -5.00 10.52 15.86
CA TYR A 142 -6.08 11.42 16.20
C TYR A 142 -7.24 10.70 16.88
N MET A 143 -7.42 9.42 16.60
CA MET A 143 -8.50 8.66 17.24
C MET A 143 -8.33 8.59 18.75
N LYS A 144 -7.22 9.04 19.31
CA LYS A 144 -7.06 8.95 20.75
C LYS A 144 -7.44 10.23 21.47
N LYS A 145 -7.92 11.25 20.76
CA LYS A 145 -8.47 12.43 21.43
C LYS A 145 -9.84 12.16 22.03
N GLY A 146 -10.50 11.10 21.62
CA GLY A 146 -11.60 10.53 22.39
C GLY A 146 -12.94 11.18 22.13
N SER A 147 -13.94 10.70 22.88
CA SER A 147 -15.33 11.17 22.70
C SER A 147 -15.54 12.59 23.16
N LYS A 148 -14.62 13.17 23.95
CA LYS A 148 -14.74 14.58 24.28
C LYS A 148 -14.50 15.48 23.08
N VAL A 149 -13.79 14.97 22.07
CA VAL A 149 -13.54 15.73 20.85
C VAL A 149 -14.40 15.24 19.70
N MET A 150 -14.59 13.91 19.59
CA MET A 150 -15.22 13.31 18.41
C MET A 150 -16.20 12.22 18.82
N PRO A 151 -17.27 12.57 19.53
CA PRO A 151 -18.22 11.53 19.95
C PRO A 151 -18.82 10.76 18.77
N ASN A 152 -19.20 11.45 17.70
CA ASN A 152 -19.80 10.74 16.57
C ASN A 152 -18.80 9.79 15.94
N ILE A 153 -17.59 10.25 15.69
CA ILE A 153 -16.60 9.38 15.06
C ILE A 153 -16.28 8.21 15.97
N GLU A 154 -16.17 8.46 17.27
CA GLU A 154 -15.86 7.38 18.19
C GLU A 154 -16.98 6.35 18.26
N LYS A 155 -18.22 6.76 18.05
CA LYS A 155 -19.30 5.76 18.02
C LYS A 155 -19.22 4.90 16.78
N LEU A 156 -18.94 5.51 15.62
CA LEU A 156 -18.75 4.74 14.40
C LEU A 156 -17.64 3.71 14.57
N ARG A 157 -16.53 4.13 15.18
CA ARG A 157 -15.38 3.24 15.38
C ARG A 157 -15.70 2.12 16.36
N SER A 158 -16.35 2.43 17.48
CA SER A 158 -16.55 1.37 18.46
C SER A 158 -17.69 0.44 18.08
N CYS A 159 -18.73 0.91 17.40
CA CYS A 159 -19.84 0.01 17.08
C CYS A 159 -19.68 -0.70 15.75
N GLY A 160 -18.83 -0.21 14.86
CA GLY A 160 -18.61 -0.86 13.57
C GLY A 160 -17.33 -1.67 13.52
N THR A 161 -16.73 -1.70 12.33
CA THR A 161 -15.49 -2.41 12.07
C THR A 161 -14.38 -1.38 11.88
N HIS A 162 -13.25 -1.57 12.55
CA HIS A 162 -12.20 -0.58 12.44
C HIS A 162 -10.85 -1.28 12.48
N ALA A 163 -9.93 -0.75 11.73
CA ALA A 163 -8.54 -1.15 11.88
C ALA A 163 -7.80 -0.16 12.78
N PRO A 164 -6.73 -0.57 13.47
CA PRO A 164 -5.97 0.43 14.23
C PRO A 164 -5.35 1.47 13.33
N TYR A 165 -5.02 1.12 12.08
CA TYR A 165 -4.62 2.08 11.07
C TYR A 165 -4.72 1.43 9.69
N MET A 166 -4.64 2.27 8.67
CA MET A 166 -4.60 1.83 7.28
C MET A 166 -3.37 2.46 6.63
N ARG A 167 -2.66 1.68 5.82
CA ARG A 167 -1.42 2.17 5.23
C ARG A 167 -1.71 2.85 3.90
N PRO A 168 -1.37 4.11 3.73
CA PRO A 168 -1.49 4.73 2.40
C PRO A 168 -0.46 4.16 1.43
N VAL A 169 -0.55 4.58 0.17
CA VAL A 169 0.49 4.29 -0.81
C VAL A 169 1.50 5.43 -0.80
N TYR A 170 2.68 5.16 -1.36
CA TYR A 170 3.67 6.24 -1.55
C TYR A 170 3.52 6.86 -2.94
N PRO A 171 3.70 8.17 -3.09
CA PRO A 171 4.01 9.12 -2.02
C PRO A 171 2.78 9.39 -1.20
N THR A 172 2.95 9.63 0.10
CA THR A 172 1.79 9.78 0.98
C THR A 172 1.25 11.22 0.84
N LYS A 173 0.71 11.49 -0.35
CA LYS A 173 0.08 12.75 -0.72
C LYS A 173 -1.38 12.51 -1.06
N THR A 174 -2.12 13.61 -1.16
CA THR A 174 -3.57 13.55 -1.29
C THR A 174 -4.03 12.88 -2.59
N PHE A 175 -3.63 13.43 -3.74
CA PHE A 175 -4.20 12.94 -5.02
C PHE A 175 -3.79 11.51 -5.33
N PRO A 176 -2.50 11.13 -5.24
CA PRO A 176 -2.18 9.71 -5.44
C PRO A 176 -2.96 8.81 -4.51
N ASN A 177 -3.20 9.22 -3.27
CA ASN A 177 -3.83 8.28 -2.36
C ASN A 177 -5.34 8.22 -2.52
N LEU A 178 -6.01 9.35 -2.77
CA LEU A 178 -7.45 9.32 -3.00
C LEU A 178 -7.78 8.56 -4.29
N TYR A 179 -6.96 8.73 -5.33
CA TYR A 179 -7.22 7.97 -6.54
C TYR A 179 -6.87 6.49 -6.36
N THR A 180 -5.88 6.16 -5.53
CA THR A 180 -5.63 4.75 -5.20
C THR A 180 -6.84 4.14 -4.48
N LEU A 181 -7.40 4.88 -3.52
CA LEU A 181 -8.62 4.38 -2.85
C LEU A 181 -9.75 4.15 -3.86
N ALA A 182 -9.86 5.01 -4.88
CA ALA A 182 -10.97 4.90 -5.84
C ALA A 182 -10.76 3.79 -6.86
N THR A 183 -9.52 3.37 -7.11
CA THR A 183 -9.23 2.41 -8.17
C THR A 183 -8.65 1.08 -7.71
N GLY A 184 -8.04 1.03 -6.53
CA GLY A 184 -7.37 -0.19 -6.12
C GLY A 184 -6.01 -0.35 -6.70
N LEU A 185 -5.48 0.69 -7.35
CA LEU A 185 -4.24 0.61 -8.11
C LEU A 185 -3.13 1.40 -7.42
N TYR A 186 -1.90 0.93 -7.60
CA TYR A 186 -0.75 1.75 -7.26
C TYR A 186 -0.73 3.01 -8.14
N PRO A 187 -0.21 4.12 -7.64
CA PRO A 187 -0.03 5.30 -8.49
C PRO A 187 0.71 5.05 -9.80
N GLU A 188 1.74 4.20 -9.80
CA GLU A 188 2.48 3.99 -11.06
C GLU A 188 1.56 3.44 -12.13
N SER A 189 0.50 2.70 -11.75
CA SER A 189 -0.50 2.18 -12.68
C SER A 189 -1.67 3.13 -12.93
N HIS A 190 -2.26 3.79 -11.92
CA HIS A 190 -3.35 4.68 -12.28
C HIS A 190 -2.90 6.03 -12.84
N GLY A 191 -1.59 6.33 -12.84
CA GLY A 191 -1.09 7.56 -13.45
C GLY A 191 -0.95 8.78 -12.55
N ILE A 192 -1.64 8.83 -11.40
CA ILE A 192 -1.59 10.03 -10.54
C ILE A 192 -0.46 9.77 -9.56
N VAL A 193 0.78 9.99 -10.03
CA VAL A 193 1.98 9.66 -9.27
C VAL A 193 2.43 10.79 -8.34
N GLY A 194 1.73 11.92 -8.33
CA GLY A 194 2.04 13.00 -7.41
C GLY A 194 0.93 14.02 -7.48
N ASN A 195 0.93 14.93 -6.49
CA ASN A 195 0.09 16.12 -6.60
C ASN A 195 0.54 17.00 -7.77
N SER A 196 1.84 17.06 -8.02
CA SER A 196 2.40 17.68 -9.22
C SER A 196 3.18 16.64 -10.00
N MET A 197 3.07 16.69 -11.33
CA MET A 197 3.85 15.79 -12.16
C MET A 197 3.97 16.36 -13.56
N TYR A 198 5.02 15.94 -14.26
CA TYR A 198 5.25 16.32 -15.64
C TYR A 198 5.13 15.06 -16.48
N ASP A 199 4.37 15.15 -17.59
CA ASP A 199 4.22 14.03 -18.49
C ASP A 199 4.96 14.38 -19.77
N PRO A 200 6.03 13.69 -20.11
CA PRO A 200 6.81 14.07 -21.30
C PRO A 200 6.09 13.80 -22.60
N VAL A 201 5.17 12.83 -22.63
CA VAL A 201 4.42 12.58 -23.85
C VAL A 201 3.44 13.72 -24.12
N PHE A 202 2.80 14.25 -23.07
CA PHE A 202 1.93 15.42 -23.21
C PHE A 202 2.72 16.71 -23.31
N ASP A 203 3.95 16.73 -22.81
CA ASP A 203 4.69 17.96 -22.61
C ASP A 203 3.84 18.94 -21.80
N ALA A 204 3.37 18.46 -20.65
CA ALA A 204 2.48 19.28 -19.84
C ALA A 204 2.63 18.89 -18.38
N SER A 205 2.30 19.83 -17.50
CA SER A 205 2.33 19.62 -16.07
C SER A 205 0.92 19.61 -15.49
N PHE A 206 0.78 18.83 -14.42
CA PHE A 206 -0.45 18.59 -13.68
C PHE A 206 -0.19 19.12 -12.27
N HIS A 207 -1.16 19.84 -11.71
CA HIS A 207 -1.02 20.39 -10.37
C HIS A 207 -2.36 20.33 -9.65
N LEU A 208 -2.31 20.51 -8.33
CA LEU A 208 -3.52 20.49 -7.52
C LEU A 208 -4.42 21.68 -7.83
N ARG A 209 -3.82 22.82 -8.12
CA ARG A 209 -4.54 24.01 -8.53
C ARG A 209 -4.44 24.14 -10.05
N GLY A 210 -5.52 24.58 -10.66
CA GLY A 210 -5.56 24.76 -12.09
C GLY A 210 -6.60 23.89 -12.75
N ARG A 211 -6.81 24.16 -14.03
CA ARG A 211 -7.78 23.41 -14.80
C ARG A 211 -7.23 22.13 -15.39
N GLU A 212 -5.89 22.00 -15.45
CA GLU A 212 -5.30 20.87 -16.16
C GLU A 212 -5.73 19.54 -15.58
N LYS A 213 -5.90 19.47 -14.25
CA LYS A 213 -6.31 18.22 -13.62
C LYS A 213 -7.67 17.76 -14.11
N PHE A 214 -8.48 18.67 -14.66
CA PHE A 214 -9.81 18.26 -15.13
C PHE A 214 -9.75 17.50 -16.44
N ASN A 215 -8.61 17.51 -17.14
N ASN A 215 -8.62 17.51 -17.12
CA ASN A 215 -8.51 16.77 -18.40
CA ASN A 215 -8.50 16.76 -18.37
C ASN A 215 -8.37 15.28 -18.13
C ASN A 215 -8.42 15.27 -18.08
N HIS A 216 -9.22 14.48 -18.80
CA HIS A 216 -9.24 13.04 -18.55
C HIS A 216 -7.95 12.32 -18.95
N ARG A 217 -7.09 12.95 -19.78
CA ARG A 217 -5.89 12.25 -20.25
C ARG A 217 -4.99 11.82 -19.11
N TRP A 218 -5.06 12.47 -17.94
CA TRP A 218 -4.14 12.14 -16.86
C TRP A 218 -4.50 10.86 -16.11
N TRP A 219 -5.76 10.42 -16.16
CA TRP A 219 -6.33 9.52 -15.16
C TRP A 219 -6.53 8.11 -15.74
N GLY A 220 -5.74 7.15 -15.26
CA GLY A 220 -5.87 5.76 -15.68
C GLY A 220 -6.75 4.94 -14.76
N GLY A 221 -6.70 3.62 -14.95
CA GLY A 221 -7.50 2.68 -14.21
C GLY A 221 -8.99 2.95 -14.38
N GLN A 222 -9.79 2.44 -13.44
CA GLN A 222 -11.24 2.61 -13.51
C GLN A 222 -11.77 2.90 -12.12
N PRO A 223 -12.12 4.16 -11.84
CA PRO A 223 -12.51 4.51 -10.48
C PRO A 223 -13.90 3.98 -10.16
N LEU A 224 -14.17 3.86 -8.86
CA LEU A 224 -15.41 3.25 -8.38
C LEU A 224 -16.66 3.84 -9.03
N TRP A 225 -16.73 5.17 -9.14
CA TRP A 225 -17.93 5.78 -9.74
C TRP A 225 -18.12 5.34 -11.19
N ILE A 226 -17.03 5.04 -11.89
CA ILE A 226 -17.12 4.52 -13.25
C ILE A 226 -17.49 3.05 -13.26
N THR A 227 -16.87 2.25 -12.37
CA THR A 227 -17.24 0.84 -12.26
C THR A 227 -18.73 0.68 -11.96
N ALA A 228 -19.26 1.51 -11.05
CA ALA A 228 -20.68 1.42 -10.71
C ALA A 228 -21.55 1.73 -11.93
N THR A 229 -21.34 2.91 -12.53
CA THR A 229 -22.14 3.34 -13.69
C THR A 229 -22.14 2.31 -14.82
N LYS A 230 -20.95 1.75 -15.14
CA LYS A 230 -20.88 0.76 -16.22
C LYS A 230 -21.64 -0.51 -15.89
N GLN A 231 -21.87 -0.82 -14.62
CA GLN A 231 -22.59 -2.04 -14.25
C GLN A 231 -24.01 -1.78 -13.81
N GLY A 232 -24.53 -0.58 -14.04
CA GLY A 232 -25.93 -0.27 -13.79
C GLY A 232 -26.20 0.32 -12.43
N VAL A 233 -25.17 0.65 -11.68
CA VAL A 233 -25.32 1.16 -10.32
C VAL A 233 -25.13 2.67 -10.35
N ARG A 234 -26.15 3.42 -9.98
CA ARG A 234 -26.08 4.87 -10.10
C ARG A 234 -25.22 5.47 -9.00
N ALA A 235 -24.33 6.38 -9.40
CA ALA A 235 -23.45 7.08 -8.47
C ALA A 235 -23.90 8.52 -8.35
N GLY A 236 -23.90 9.04 -7.12
CA GLY A 236 -23.98 10.46 -6.92
C GLY A 236 -22.71 11.14 -7.37
N THR A 237 -22.79 12.44 -7.63
CA THR A 237 -21.58 13.18 -7.99
C THR A 237 -20.68 13.27 -6.76
N PHE A 238 -19.46 12.77 -6.90
CA PHE A 238 -18.51 12.62 -5.82
C PHE A 238 -17.78 13.91 -5.47
N PHE A 239 -17.86 14.92 -6.30
CA PHE A 239 -16.98 16.07 -6.17
C PHE A 239 -17.77 17.35 -6.02
N TRP A 240 -17.16 18.33 -5.37
CA TRP A 240 -17.85 19.57 -5.04
C TRP A 240 -16.93 20.74 -5.30
N SER A 241 -17.44 21.74 -6.01
CA SER A 241 -16.77 23.02 -6.11
C SER A 241 -16.46 23.54 -4.72
N VAL A 242 -15.32 24.22 -4.58
CA VAL A 242 -14.81 24.55 -3.25
C VAL A 242 -15.75 25.49 -2.51
N SER A 243 -16.52 26.31 -3.24
CA SER A 243 -17.40 27.27 -2.58
C SER A 243 -18.69 26.66 -2.06
N ILE A 244 -18.88 25.34 -2.14
CA ILE A 244 -20.05 24.68 -1.59
C ILE A 244 -19.72 24.29 -0.15
N PRO A 245 -20.45 24.81 0.83
CA PRO A 245 -20.13 24.49 2.23
C PRO A 245 -20.39 23.02 2.55
N HIS A 246 -19.63 22.53 3.54
CA HIS A 246 -19.75 21.13 3.96
C HIS A 246 -21.17 20.78 4.36
N GLU A 247 -21.88 21.71 5.00
CA GLU A 247 -23.24 21.44 5.43
C GLU A 247 -24.18 21.24 4.24
N ARG A 248 -23.97 22.00 3.17
CA ARG A 248 -24.78 21.84 1.97
C ARG A 248 -24.47 20.53 1.25
N ARG A 249 -23.22 20.08 1.32
CA ARG A 249 -22.86 18.80 0.71
C ARG A 249 -23.60 17.65 1.40
N ILE A 250 -23.58 17.65 2.74
CA ILE A 250 -24.30 16.63 3.50
C ILE A 250 -25.79 16.71 3.19
N LEU A 251 -26.35 17.91 3.14
CA LEU A 251 -27.76 18.06 2.84
C LEU A 251 -28.08 17.51 1.45
N THR A 252 -27.18 17.73 0.49
CA THR A 252 -27.43 17.26 -0.87
C THR A 252 -27.42 15.73 -0.94
N ILE A 253 -26.51 15.10 -0.21
CA ILE A 253 -26.43 13.64 -0.17
C ILE A 253 -27.70 13.07 0.45
N LEU A 254 -28.18 13.69 1.51
CA LEU A 254 -29.41 13.20 2.13
C LEU A 254 -30.62 13.43 1.25
N GLN A 255 -30.64 14.54 0.50
CA GLN A 255 -31.79 14.80 -0.37
C GLN A 255 -31.76 13.86 -1.59
N TRP A 256 -30.58 13.53 -2.08
CA TRP A 256 -30.47 12.51 -3.13
C TRP A 256 -31.02 11.18 -2.65
N LEU A 257 -30.73 10.80 -1.40
CA LEU A 257 -31.22 9.54 -0.85
C LEU A 257 -32.75 9.49 -0.74
N SER A 258 -33.42 10.65 -0.78
CA SER A 258 -34.88 10.70 -0.76
C SER A 258 -35.51 10.73 -2.15
N LEU A 259 -34.72 10.64 -3.22
CA LEU A 259 -35.21 10.54 -4.59
C LEU A 259 -36.03 9.27 -4.75
N PRO A 260 -36.78 9.11 -5.85
CA PRO A 260 -37.52 7.85 -6.07
C PRO A 260 -36.61 6.74 -6.55
N ASP A 261 -37.17 5.54 -6.58
CA ASP A 261 -36.40 4.31 -6.79
C ASP A 261 -35.51 4.37 -8.03
N ASN A 262 -36.04 4.85 -9.15
CA ASN A 262 -35.24 4.76 -10.37
C ASN A 262 -34.24 5.90 -10.51
N GLU A 263 -34.24 6.87 -9.60
CA GLU A 263 -33.28 7.96 -9.65
C GLU A 263 -32.25 7.90 -8.54
N ARG A 264 -32.60 7.32 -7.41
CA ARG A 264 -31.75 7.34 -6.22
C ARG A 264 -30.40 6.69 -6.51
N PRO A 265 -29.29 7.42 -6.42
CA PRO A 265 -27.97 6.78 -6.51
C PRO A 265 -27.77 5.78 -5.36
N SER A 266 -26.86 4.83 -5.60
CA SER A 266 -26.53 3.83 -4.61
C SER A 266 -25.21 4.11 -3.90
N VAL A 267 -24.37 5.00 -4.43
CA VAL A 267 -23.06 5.26 -3.85
C VAL A 267 -22.80 6.77 -3.86
N TYR A 268 -22.24 7.27 -2.76
CA TYR A 268 -22.06 8.68 -2.51
C TYR A 268 -20.66 8.91 -1.93
N ALA A 269 -20.13 10.11 -2.10
CA ALA A 269 -18.86 10.46 -1.48
C ALA A 269 -18.94 11.87 -0.93
N PHE A 270 -18.37 12.05 0.26
CA PHE A 270 -18.15 13.35 0.86
C PHE A 270 -16.67 13.47 1.18
N TYR A 271 -16.08 14.62 0.89
CA TYR A 271 -14.68 14.85 1.15
C TYR A 271 -14.51 16.12 1.99
N SER A 272 -13.62 16.07 2.97
CA SER A 272 -13.28 17.26 3.74
C SER A 272 -11.78 17.47 3.65
N GLU A 273 -11.39 18.71 3.35
CA GLU A 273 -9.99 19.09 3.38
C GLU A 273 -9.45 19.20 4.80
N GLN A 274 -10.30 19.07 5.81
CA GLN A 274 -9.72 19.04 7.13
C GLN A 274 -9.64 17.62 7.65
N PRO A 275 -8.74 17.30 8.60
CA PRO A 275 -7.87 18.22 9.34
C PRO A 275 -6.53 18.49 8.68
N ASP A 276 -6.45 18.33 7.36
CA ASP A 276 -5.17 18.52 6.67
C ASP A 276 -4.68 19.94 6.80
N PHE A 277 -5.54 20.91 6.48
CA PHE A 277 -5.11 22.31 6.48
C PHE A 277 -4.55 22.72 7.83
N SER A 278 -5.24 22.36 8.92
CA SER A 278 -4.73 22.75 10.23
C SER A 278 -3.46 22.00 10.58
N GLY A 279 -3.38 20.72 10.21
CA GLY A 279 -2.17 19.95 10.50
C GLY A 279 -0.94 20.55 9.85
N HIS A 280 -1.06 21.04 8.62
CA HIS A 280 0.04 21.75 7.99
C HIS A 280 0.41 23.01 8.77
N LYS A 281 -0.61 23.81 9.14
CA LYS A 281 -0.37 25.10 9.77
C LYS A 281 0.20 24.95 11.18
N TYR A 282 -0.44 24.14 12.01
CA TYR A 282 -0.08 24.05 13.43
C TYR A 282 0.64 22.77 13.81
N GLY A 283 0.89 21.87 12.87
CA GLY A 283 1.53 20.62 13.20
C GLY A 283 0.53 19.67 13.83
N PRO A 284 0.83 18.37 13.78
CA PRO A 284 -0.16 17.38 14.23
C PRO A 284 -0.37 17.36 15.74
N PHE A 285 0.54 17.91 16.53
CA PHE A 285 0.40 17.90 17.98
C PHE A 285 -0.06 19.24 18.54
N GLY A 286 -0.50 20.15 17.69
CA GLY A 286 -0.97 21.45 18.12
C GLY A 286 -2.32 21.39 18.81
N PRO A 287 -2.47 22.16 19.90
CA PRO A 287 -3.80 22.26 20.53
C PRO A 287 -4.85 22.78 19.56
N GLU A 288 -4.44 23.55 18.55
CA GLU A 288 -5.34 23.98 17.51
C GLU A 288 -6.02 22.82 16.76
N MET A 289 -5.44 21.60 16.79
CA MET A 289 -6.00 20.48 16.02
C MET A 289 -7.39 20.08 16.49
N THR A 290 -7.76 20.38 17.74
CA THR A 290 -9.08 19.96 18.19
C THR A 290 -10.21 20.75 17.54
N ASN A 291 -9.90 21.96 17.01
CA ASN A 291 -10.95 22.72 16.32
C ASN A 291 -11.42 22.01 15.06
N PRO A 292 -10.57 21.73 14.06
CA PRO A 292 -11.08 20.99 12.89
C PRO A 292 -11.58 19.61 13.24
N LEU A 293 -10.99 18.95 14.24
CA LEU A 293 -11.44 17.60 14.59
C LEU A 293 -12.88 17.64 15.11
N ARG A 294 -13.25 18.69 15.84
CA ARG A 294 -14.63 18.85 16.27
C ARG A 294 -15.56 19.16 15.12
N GLU A 295 -15.15 20.06 14.21
CA GLU A 295 -15.99 20.41 13.07
C GLU A 295 -16.21 19.22 12.15
N ILE A 296 -15.20 18.37 11.96
CA ILE A 296 -15.42 17.13 11.23
C ILE A 296 -16.42 16.26 11.94
N ASP A 297 -16.28 16.12 13.26
CA ASP A 297 -17.17 15.23 13.99
C ASP A 297 -18.61 15.75 13.97
N LYS A 298 -18.81 17.07 13.98
CA LYS A 298 -20.17 17.58 13.89
C LYS A 298 -20.78 17.30 12.52
N THR A 299 -19.97 17.36 11.46
CA THR A 299 -20.46 17.03 10.11
C THR A 299 -20.90 15.57 10.01
N VAL A 300 -20.14 14.67 10.64
CA VAL A 300 -20.52 13.26 10.74
C VAL A 300 -21.83 13.13 11.52
N GLY A 301 -21.92 13.83 12.66
CA GLY A 301 -23.17 13.86 13.38
C GLY A 301 -24.34 14.35 12.55
N GLN A 302 -24.09 15.33 11.68
CA GLN A 302 -25.15 15.81 10.80
C GLN A 302 -25.58 14.74 9.81
N LEU A 303 -24.60 14.04 9.23
CA LEU A 303 -24.93 12.91 8.35
C LEU A 303 -25.72 11.85 9.10
N MET A 304 -25.27 11.46 10.29
CA MET A 304 -25.93 10.34 10.97
C MET A 304 -27.31 10.73 11.47
N ASP A 305 -27.46 11.95 12.03
CA ASP A 305 -28.78 12.45 12.40
C ASP A 305 -29.69 12.53 11.19
N GLY A 306 -29.16 12.99 10.06
CA GLY A 306 -29.97 13.01 8.84
C GLY A 306 -30.42 11.64 8.41
N LEU A 307 -29.51 10.63 8.44
CA LEU A 307 -29.90 9.28 8.07
C LEU A 307 -30.96 8.73 9.02
N LYS A 308 -30.79 8.97 10.32
CA LYS A 308 -31.80 8.52 11.28
C LYS A 308 -33.13 9.22 11.03
N GLN A 309 -33.10 10.52 10.73
CA GLN A 309 -34.31 11.23 10.34
C GLN A 309 -35.00 10.56 9.15
N LEU A 310 -34.21 10.11 8.17
CA LEU A 310 -34.78 9.39 7.04
C LEU A 310 -35.08 7.94 7.39
N ARG A 311 -34.76 7.51 8.60
CA ARG A 311 -34.82 6.11 9.00
C ARG A 311 -34.03 5.24 8.02
N LEU A 312 -32.88 5.76 7.60
CA LEU A 312 -31.92 5.04 6.78
C LEU A 312 -30.66 4.67 7.56
N HIS A 313 -30.64 4.93 8.87
CA HIS A 313 -29.44 4.75 9.68
C HIS A 313 -29.08 3.29 9.95
N ARG A 314 -29.96 2.35 9.62
CA ARG A 314 -29.69 0.93 9.72
C ARG A 314 -29.74 0.28 8.34
N CYS A 315 -29.65 1.09 7.31
CA CYS A 315 -29.75 0.67 5.93
C CYS A 315 -28.46 0.91 5.15
N VAL A 316 -27.72 1.96 5.49
CA VAL A 316 -26.62 2.47 4.68
C VAL A 316 -25.30 1.99 5.27
N ASN A 317 -24.38 1.59 4.40
CA ASN A 317 -23.01 1.34 4.84
C ASN A 317 -22.21 2.64 4.74
N VAL A 318 -21.48 2.95 5.80
CA VAL A 318 -20.71 4.18 5.89
C VAL A 318 -19.24 3.82 6.06
N ILE A 319 -18.39 4.48 5.28
CA ILE A 319 -16.94 4.30 5.38
C ILE A 319 -16.35 5.64 5.79
N PHE A 320 -15.62 5.64 6.90
CA PHE A 320 -14.85 6.80 7.36
C PHE A 320 -13.36 6.47 7.11
N VAL A 321 -12.74 7.18 6.19
CA VAL A 321 -11.42 6.79 5.69
C VAL A 321 -10.58 8.04 5.44
N GLY A 322 -9.28 7.94 5.70
CA GLY A 322 -8.35 9.02 5.45
C GLY A 322 -7.45 8.71 4.25
N ASP A 323 -6.76 9.74 3.77
CA ASP A 323 -5.82 9.51 2.68
C ASP A 323 -4.38 9.33 3.14
N HIS A 324 -4.00 9.94 4.26
CA HIS A 324 -2.64 9.88 4.78
C HIS A 324 -2.64 10.58 6.12
N GLY A 325 -1.52 10.47 6.82
CA GLY A 325 -1.35 11.10 8.11
C GLY A 325 -0.72 12.46 8.02
N MET A 326 0.09 12.80 9.05
CA MET A 326 0.67 14.13 9.17
C MET A 326 1.83 14.06 10.15
N GLU A 327 2.94 14.70 9.79
CA GLU A 327 4.19 14.63 10.54
C GLU A 327 4.62 16.02 10.96
N ASP A 328 5.28 16.11 12.12
CA ASP A 328 6.01 17.31 12.52
C ASP A 328 7.11 17.69 11.54
N VAL A 329 6.95 18.78 10.78
CA VAL A 329 8.01 19.28 9.92
C VAL A 329 8.12 20.79 10.07
N THR A 330 9.35 21.31 10.03
CA THR A 330 9.58 22.74 10.19
C THR A 330 10.66 23.22 9.23
N CYS A 331 10.57 24.51 8.87
CA CYS A 331 11.55 25.15 8.01
C CYS A 331 12.98 24.90 8.47
N ASP A 332 13.17 24.74 9.78
CA ASP A 332 14.49 24.49 10.34
C ASP A 332 15.12 23.22 9.76
N ARG A 333 14.30 22.22 9.46
CA ARG A 333 14.82 20.91 9.06
C ARG A 333 14.71 20.73 7.55
N THR A 334 15.57 21.44 6.82
CA THR A 334 15.56 21.35 5.38
C THR A 334 16.96 21.07 4.86
N GLU A 335 17.07 20.11 3.95
CA GLU A 335 18.29 19.89 3.19
C GLU A 335 18.19 20.63 1.86
N PHE A 336 19.31 21.21 1.43
CA PHE A 336 19.34 22.01 0.21
C PHE A 336 20.25 21.39 -0.83
N LEU A 337 19.71 21.19 -2.04
CA LEU A 337 20.54 20.69 -3.12
C LEU A 337 21.74 21.59 -3.37
N SER A 338 21.58 22.90 -3.15
CA SER A 338 22.67 23.84 -3.38
C SER A 338 23.85 23.60 -2.44
N ASN A 339 23.67 22.82 -1.37
CA ASN A 339 24.80 22.31 -0.59
C ASN A 339 25.46 21.11 -1.25
N TYR A 340 24.91 20.59 -2.34
CA TYR A 340 25.42 19.33 -2.87
C TYR A 340 25.87 19.48 -4.32
N LEU A 341 25.06 20.14 -5.15
CA LEU A 341 25.35 20.37 -6.56
C LEU A 341 25.95 21.76 -6.74
N THR A 342 26.86 21.88 -7.71
CA THR A 342 27.51 23.15 -7.98
C THR A 342 26.58 24.14 -8.69
N ASN A 343 25.78 23.66 -9.62
CA ASN A 343 24.76 24.48 -10.28
C ASN A 343 23.40 23.82 -10.15
N VAL A 344 22.52 24.40 -9.34
CA VAL A 344 21.15 23.91 -9.19
C VAL A 344 20.15 24.64 -10.07
N ASP A 345 20.58 25.63 -10.83
CA ASP A 345 19.65 26.37 -11.68
C ASP A 345 19.39 25.65 -12.99
N ASP A 346 20.10 24.56 -13.28
CA ASP A 346 19.89 23.79 -14.49
C ASP A 346 19.10 22.51 -14.26
N ILE A 347 18.48 22.36 -13.09
CA ILE A 347 17.62 21.21 -12.81
C ILE A 347 16.30 21.70 -12.26
N THR A 348 15.28 20.88 -12.45
CA THR A 348 13.97 21.07 -11.84
C THR A 348 13.83 20.06 -10.73
N LEU A 349 13.33 20.51 -9.58
CA LEU A 349 13.14 19.67 -8.41
C LEU A 349 11.67 19.75 -8.00
N VAL A 350 10.98 18.61 -7.98
CA VAL A 350 9.76 18.49 -7.19
C VAL A 350 10.20 18.33 -5.75
N PRO A 351 9.94 19.31 -4.87
CA PRO A 351 10.58 19.30 -3.54
C PRO A 351 9.69 18.88 -2.39
N GLY A 352 10.23 18.97 -1.18
CA GLY A 352 9.43 18.78 0.02
C GLY A 352 9.77 17.50 0.75
N THR A 353 8.73 16.73 1.10
CA THR A 353 8.86 15.44 1.78
C THR A 353 9.29 14.32 0.85
N LEU A 354 9.49 14.63 -0.42
CA LEU A 354 10.14 13.75 -1.38
C LEU A 354 10.87 14.62 -2.38
N GLY A 355 11.76 14.02 -3.14
CA GLY A 355 12.44 14.74 -4.21
C GLY A 355 12.29 14.00 -5.52
N ARG A 356 12.04 14.75 -6.59
CA ARG A 356 12.10 14.19 -7.92
C ARG A 356 12.83 15.20 -8.79
N ILE A 357 13.86 14.76 -9.51
CA ILE A 357 14.75 15.66 -10.25
C ILE A 357 14.70 15.30 -11.72
N ARG A 358 14.62 16.31 -12.57
CA ARG A 358 14.88 16.20 -14.01
C ARG A 358 15.64 17.44 -14.46
N ALA A 359 16.13 17.42 -15.70
CA ALA A 359 16.85 18.57 -16.24
C ALA A 359 15.88 19.65 -16.72
N LYS A 360 16.27 20.91 -16.53
CA LYS A 360 15.46 22.03 -17.00
C LYS A 360 15.71 22.32 -18.47
N ASP A 368 24.15 14.80 -16.12
CA ASP A 368 24.30 13.35 -16.15
C ASP A 368 23.62 12.74 -14.92
N PRO A 369 22.68 11.81 -15.15
CA PRO A 369 21.85 11.30 -14.05
C PRO A 369 22.62 10.65 -12.92
N LYS A 370 23.45 9.63 -13.19
CA LYS A 370 24.20 9.02 -12.11
C LYS A 370 25.34 9.91 -11.63
N THR A 371 25.80 10.87 -12.44
CA THR A 371 26.67 11.91 -11.90
C THR A 371 25.96 12.71 -10.83
N ILE A 372 24.70 13.10 -11.08
CA ILE A 372 23.94 13.81 -10.07
C ILE A 372 23.73 12.91 -8.86
N ILE A 373 23.41 11.64 -9.08
CA ILE A 373 23.22 10.71 -7.97
C ILE A 373 24.50 10.59 -7.16
N ALA A 374 25.65 10.43 -7.84
CA ALA A 374 26.91 10.31 -7.13
C ALA A 374 27.16 11.52 -6.23
N ALA A 375 26.85 12.72 -6.72
CA ALA A 375 27.10 13.94 -5.95
C ALA A 375 26.14 14.09 -4.77
N LEU A 376 25.04 13.35 -4.75
CA LEU A 376 24.09 13.40 -3.64
C LEU A 376 24.26 12.24 -2.67
N THR A 377 25.23 11.36 -2.88
CA THR A 377 25.31 10.10 -2.15
C THR A 377 26.26 10.23 -0.96
N CYS A 378 25.73 10.09 0.24
CA CYS A 378 26.49 10.02 1.51
C CYS A 378 27.60 11.07 1.57
N LYS A 379 27.18 12.34 1.55
CA LYS A 379 28.12 13.45 1.55
C LYS A 379 28.26 14.12 2.91
N LYS A 380 27.26 14.01 3.76
CA LYS A 380 27.22 14.61 5.09
C LYS A 380 26.91 13.51 6.09
N PRO A 381 27.53 13.56 7.29
CA PRO A 381 27.33 12.51 8.30
C PRO A 381 25.87 12.11 8.53
N ASP A 382 25.02 13.05 8.91
CA ASP A 382 23.62 12.73 9.15
C ASP A 382 22.73 13.26 8.02
N GLN A 383 23.02 12.85 6.79
CA GLN A 383 22.30 13.31 5.62
C GLN A 383 20.84 12.86 5.69
N HIS A 384 19.89 13.80 5.54
CA HIS A 384 18.48 13.48 5.79
C HIS A 384 17.68 13.22 4.53
N PHE A 385 18.34 12.82 3.45
CA PHE A 385 17.67 12.28 2.28
C PHE A 385 18.63 11.27 1.64
N LYS A 386 18.09 10.35 0.83
CA LYS A 386 18.93 9.43 0.09
C LYS A 386 18.51 9.43 -1.37
N PRO A 387 19.45 9.58 -2.30
CA PRO A 387 19.10 9.55 -3.73
C PRO A 387 19.00 8.13 -4.24
N TYR A 388 18.15 7.95 -5.24
CA TYR A 388 17.93 6.65 -5.87
C TYR A 388 17.65 6.88 -7.35
N MET A 389 18.17 6.02 -8.21
CA MET A 389 17.48 5.77 -9.47
C MET A 389 16.19 5.03 -9.11
N LYS A 390 15.09 5.38 -9.78
CA LYS A 390 13.78 4.90 -9.34
C LYS A 390 13.73 3.38 -9.36
N GLN A 391 14.42 2.76 -10.33
CA GLN A 391 14.48 1.30 -10.43
C GLN A 391 15.08 0.66 -9.19
N HIS A 392 15.79 1.41 -8.37
CA HIS A 392 16.46 0.88 -7.20
C HIS A 392 15.75 1.20 -5.90
N LEU A 393 14.62 1.89 -5.97
CA LEU A 393 13.79 2.11 -4.79
C LEU A 393 13.31 0.77 -4.25
N PRO A 394 13.04 0.69 -2.95
CA PRO A 394 12.41 -0.50 -2.39
C PRO A 394 11.21 -0.92 -3.21
N LYS A 395 11.11 -2.22 -3.50
CA LYS A 395 10.06 -2.73 -4.37
C LYS A 395 8.69 -2.57 -3.73
N ARG A 396 8.62 -2.54 -2.40
CA ARG A 396 7.36 -2.37 -1.71
C ARG A 396 6.71 -1.02 -2.01
N LEU A 397 7.48 -0.01 -2.46
CA LEU A 397 6.89 1.25 -2.84
C LEU A 397 6.19 1.18 -4.19
N HIS A 398 6.56 0.24 -5.05
CA HIS A 398 5.97 0.09 -6.38
C HIS A 398 5.95 1.42 -7.15
N TYR A 399 7.07 2.14 -7.10
CA TYR A 399 7.09 3.53 -7.55
C TYR A 399 8.15 3.72 -8.64
N ALA A 400 7.94 3.10 -9.80
CA ALA A 400 8.92 3.35 -10.87
C ALA A 400 8.34 3.20 -12.27
N ASN A 401 7.36 2.32 -12.47
CA ASN A 401 6.93 1.99 -13.83
C ASN A 401 5.87 2.97 -14.35
N ASN A 402 6.31 4.21 -14.58
CA ASN A 402 5.46 5.22 -15.19
C ASN A 402 6.33 6.32 -15.77
N ARG A 403 6.00 6.80 -16.98
CA ARG A 403 6.84 7.83 -17.57
C ARG A 403 6.79 9.14 -16.78
N ARG A 404 5.77 9.38 -15.95
CA ARG A 404 5.74 10.60 -15.15
C ARG A 404 6.60 10.53 -13.90
N ILE A 405 7.24 9.40 -13.61
CA ILE A 405 8.15 9.32 -12.46
C ILE A 405 9.57 9.56 -12.95
N GLU A 406 10.18 10.62 -12.45
CA GLU A 406 11.52 10.99 -12.86
C GLU A 406 12.52 9.90 -12.45
N ASP A 407 13.60 9.79 -13.26
CA ASP A 407 14.61 8.78 -13.01
C ASP A 407 15.26 8.96 -11.65
N ILE A 408 15.51 10.20 -11.26
CA ILE A 408 16.17 10.49 -9.99
C ILE A 408 15.10 10.75 -8.93
N HIS A 409 15.20 10.01 -7.83
CA HIS A 409 14.30 10.12 -6.70
C HIS A 409 15.11 10.29 -5.42
N LEU A 410 14.61 11.15 -4.53
CA LEU A 410 15.15 11.34 -3.20
C LEU A 410 14.11 10.89 -2.20
N LEU A 411 14.45 9.90 -1.39
CA LEU A 411 13.64 9.53 -0.24
C LEU A 411 14.10 10.39 0.93
N VAL A 412 13.16 11.06 1.58
CA VAL A 412 13.45 12.08 2.60
C VAL A 412 13.16 11.52 3.97
N ASP A 413 14.07 11.77 4.91
CA ASP A 413 13.83 11.37 6.30
C ASP A 413 12.57 12.02 6.83
N ARG A 414 11.81 11.27 7.64
CA ARG A 414 10.65 11.86 8.28
C ARG A 414 11.10 13.05 9.13
N ARG A 415 10.22 14.03 9.25
CA ARG A 415 10.40 15.30 9.94
C ARG A 415 11.22 16.29 9.10
N TRP A 416 11.66 15.91 7.90
CA TRP A 416 12.59 16.70 7.13
C TRP A 416 12.02 17.06 5.77
N HIS A 417 12.57 18.13 5.20
CA HIS A 417 12.26 18.60 3.87
C HIS A 417 13.54 18.64 3.05
N VAL A 418 13.39 18.52 1.73
CA VAL A 418 14.47 18.80 0.77
C VAL A 418 14.00 19.90 -0.17
N ALA A 419 14.90 20.85 -0.47
CA ALA A 419 14.58 21.97 -1.33
C ALA A 419 15.75 22.22 -2.26
N ARG A 420 15.51 23.00 -3.29
CA ARG A 420 16.57 23.29 -4.25
C ARG A 420 17.65 24.17 -3.62
N LYS A 421 17.24 25.27 -2.99
CA LYS A 421 18.21 26.22 -2.44
C LYS A 421 17.54 26.97 -1.30
N PRO A 422 18.34 27.58 -0.39
CA PRO A 422 17.74 28.21 0.80
C PRO A 422 16.58 29.15 0.50
N LEU A 423 16.66 29.90 -0.60
CA LEU A 423 15.63 30.90 -0.87
C LEU A 423 14.25 30.28 -1.11
N ASP A 424 14.16 28.98 -1.34
CA ASP A 424 12.86 28.35 -1.55
C ASP A 424 12.07 28.18 -0.25
N VAL A 425 12.71 28.37 0.91
CA VAL A 425 12.03 28.23 2.19
C VAL A 425 11.43 29.59 2.54
N TYR A 426 10.10 29.67 2.49
CA TYR A 426 9.39 30.91 2.81
C TYR A 426 8.87 30.84 4.24
N LYS A 427 9.17 31.87 5.01
CA LYS A 427 8.62 32.01 6.35
C LYS A 427 7.87 33.32 6.47
N LYS A 428 6.96 33.37 7.44
CA LYS A 428 6.22 34.59 7.73
C LYS A 428 7.19 35.74 8.04
N PRO A 429 6.80 36.98 7.73
CA PRO A 429 7.60 38.15 8.13
C PRO A 429 7.90 38.14 9.62
N SER A 430 7.07 37.44 10.38
CA SER A 430 7.32 37.17 11.79
C SER A 430 8.59 36.36 12.02
N GLY A 431 9.27 35.90 10.97
CA GLY A 431 10.40 35.00 11.09
C GLY A 431 10.01 33.56 11.33
N LYS A 432 8.77 33.31 11.73
CA LYS A 432 8.32 31.95 11.99
C LYS A 432 8.01 31.23 10.68
N CYS A 433 8.18 29.92 10.70
CA CYS A 433 7.90 29.09 9.54
C CYS A 433 6.43 29.18 9.16
N PHE A 434 6.15 29.01 7.86
CA PHE A 434 4.77 29.02 7.38
C PHE A 434 4.03 27.73 7.72
N PHE A 435 4.75 26.63 7.88
CA PHE A 435 4.16 25.31 8.06
C PHE A 435 4.79 24.62 9.26
N GLN A 436 3.99 23.82 9.96
CA GLN A 436 4.50 23.01 11.05
C GLN A 436 4.28 21.53 10.85
N GLY A 437 3.49 21.14 9.85
CA GLY A 437 3.27 19.75 9.56
C GLY A 437 3.29 19.52 8.08
N ASP A 438 3.68 18.30 7.69
CA ASP A 438 3.62 17.89 6.29
C ASP A 438 3.61 16.38 6.23
N HIS A 439 3.44 15.87 5.02
CA HIS A 439 3.30 14.46 4.70
C HIS A 439 3.81 14.25 3.28
N GLY A 440 3.95 12.99 2.91
CA GLY A 440 4.54 12.62 1.63
C GLY A 440 5.57 11.53 1.77
N PHE A 441 6.02 11.31 3.00
CA PHE A 441 7.11 10.39 3.30
C PHE A 441 6.77 8.93 2.95
N ASP A 442 7.83 8.11 2.91
CA ASP A 442 7.77 6.65 2.90
C ASP A 442 6.53 6.16 3.65
N ASN A 443 5.74 5.27 3.05
CA ASN A 443 4.46 4.91 3.63
C ASN A 443 4.55 3.94 4.80
N LYS A 444 5.75 3.45 5.13
CA LYS A 444 5.88 2.70 6.38
C LYS A 444 6.16 3.61 7.57
N VAL A 445 6.22 4.92 7.36
CA VAL A 445 6.38 5.86 8.47
C VAL A 445 5.08 5.92 9.27
N ASN A 446 5.20 5.74 10.59
CA ASN A 446 4.01 5.58 11.43
C ASN A 446 3.15 6.83 11.49
N SER A 447 3.77 8.02 11.48
CA SER A 447 2.99 9.25 11.39
C SER A 447 2.20 9.40 10.08
N MET A 448 2.46 8.59 9.05
CA MET A 448 1.72 8.69 7.80
C MET A 448 0.51 7.76 7.74
N GLN A 449 0.40 6.82 8.66
CA GLN A 449 -0.75 5.93 8.67
C GLN A 449 -2.03 6.74 8.90
N THR A 450 -3.13 6.24 8.35
CA THR A 450 -4.39 6.97 8.42
C THR A 450 -5.45 6.03 8.99
N VAL A 451 -6.73 6.36 8.81
CA VAL A 451 -7.84 5.77 9.59
C VAL A 451 -8.73 4.94 8.68
N PHE A 452 -9.27 3.83 9.20
CA PHE A 452 -10.38 3.17 8.51
C PHE A 452 -11.43 2.73 9.51
N VAL A 453 -12.68 3.10 9.25
CA VAL A 453 -13.83 2.60 10.01
C VAL A 453 -14.93 2.25 9.01
N GLY A 454 -15.59 1.11 9.23
CA GLY A 454 -16.76 0.75 8.45
C GLY A 454 -17.95 0.52 9.35
N TYR A 455 -19.10 1.10 9.02
CA TYR A 455 -20.30 1.01 9.83
C TYR A 455 -21.49 0.72 8.94
N GLY A 456 -22.34 -0.22 9.36
CA GLY A 456 -23.55 -0.50 8.63
C GLY A 456 -23.86 -1.97 8.52
N PRO A 457 -24.93 -2.30 7.80
CA PRO A 457 -25.42 -3.70 7.77
C PRO A 457 -24.42 -4.72 7.24
N THR A 458 -23.54 -4.35 6.31
CA THR A 458 -22.65 -5.34 5.73
C THR A 458 -21.33 -5.45 6.49
N PHE A 459 -21.02 -4.49 7.34
CA PHE A 459 -19.80 -4.60 8.13
C PHE A 459 -20.08 -5.39 9.40
N LYS A 460 -19.00 -5.83 10.03
CA LYS A 460 -19.11 -6.53 11.29
C LYS A 460 -19.39 -5.55 12.43
N TYR A 461 -19.84 -6.11 13.53
CA TYR A 461 -20.30 -5.37 14.69
C TYR A 461 -19.21 -5.39 15.74
N ARG A 462 -18.87 -4.22 16.26
CA ARG A 462 -17.89 -4.05 17.33
C ARG A 462 -16.68 -4.95 17.09
N THR A 463 -16.09 -4.83 15.90
CA THR A 463 -15.02 -5.73 15.48
C THR A 463 -13.78 -4.93 15.10
N LYS A 464 -12.63 -5.38 15.58
CA LYS A 464 -11.36 -4.80 15.22
C LYS A 464 -10.63 -5.75 14.29
N VAL A 465 -10.03 -5.21 13.23
CA VAL A 465 -9.33 -6.00 12.24
C VAL A 465 -7.89 -5.50 12.19
N PRO A 466 -6.94 -6.34 11.76
CA PRO A 466 -5.56 -5.89 11.63
C PRO A 466 -5.44 -4.75 10.63
N PRO A 467 -4.35 -3.99 10.70
CA PRO A 467 -4.09 -2.95 9.69
C PRO A 467 -3.99 -3.56 8.30
N PHE A 468 -4.33 -2.76 7.29
CA PHE A 468 -4.26 -3.21 5.91
C PHE A 468 -3.91 -2.02 5.02
N GLU A 469 -3.58 -2.30 3.76
CA GLU A 469 -3.19 -1.24 2.83
C GLU A 469 -4.41 -0.68 2.11
N ASN A 470 -4.36 0.62 1.75
CA ASN A 470 -5.51 1.22 1.10
C ASN A 470 -5.79 0.67 -0.31
N ILE A 471 -4.82 0.00 -0.95
CA ILE A 471 -5.11 -0.58 -2.26
C ILE A 471 -6.15 -1.70 -2.20
N GLU A 472 -6.42 -2.23 -1.00
CA GLU A 472 -7.38 -3.31 -0.84
C GLU A 472 -8.83 -2.83 -0.80
N LEU A 473 -9.04 -1.53 -0.61
CA LEU A 473 -10.37 -1.03 -0.29
C LEU A 473 -11.29 -1.03 -1.51
N TYR A 474 -10.76 -0.81 -2.73
CA TYR A 474 -11.60 -0.78 -3.92
C TYR A 474 -12.42 -2.07 -4.06
N ASN A 475 -11.75 -3.23 -3.89
CA ASN A 475 -12.45 -4.52 -3.92
C ASN A 475 -13.57 -4.59 -2.90
N VAL A 476 -13.33 -4.06 -1.69
CA VAL A 476 -14.38 -4.11 -0.65
C VAL A 476 -15.58 -3.29 -1.08
N MET A 477 -15.34 -2.07 -1.58
CA MET A 477 -16.46 -1.22 -1.96
C MET A 477 -17.25 -1.85 -3.10
N CYS A 478 -16.57 -2.57 -4.00
CA CYS A 478 -17.24 -3.30 -5.06
C CYS A 478 -18.13 -4.40 -4.48
N ASP A 479 -17.60 -5.17 -3.52
CA ASP A 479 -18.39 -6.20 -2.84
C ASP A 479 -19.59 -5.58 -2.11
N LEU A 480 -19.38 -4.45 -1.44
CA LEU A 480 -20.48 -3.76 -0.77
C LEU A 480 -21.58 -3.33 -1.75
N LEU A 481 -21.26 -3.17 -3.03
CA LEU A 481 -22.24 -2.70 -3.99
C LEU A 481 -22.70 -3.79 -4.95
N GLY A 482 -22.16 -5.00 -4.85
CA GLY A 482 -22.47 -6.03 -5.82
C GLY A 482 -21.80 -5.80 -7.16
N LEU A 483 -20.65 -5.16 -7.19
CA LEU A 483 -19.96 -4.84 -8.43
C LEU A 483 -18.80 -5.78 -8.67
N LYS A 484 -18.51 -6.04 -9.95
CA LYS A 484 -17.30 -6.78 -10.32
C LYS A 484 -16.14 -5.81 -10.40
N PRO A 485 -15.09 -5.94 -9.57
CA PRO A 485 -13.97 -5.00 -9.64
C PRO A 485 -13.27 -5.04 -10.98
N ALA A 486 -12.88 -3.85 -11.47
CA ALA A 486 -11.91 -3.79 -12.55
C ALA A 486 -10.56 -4.34 -12.07
N PRO A 487 -9.72 -4.82 -12.98
CA PRO A 487 -8.44 -5.40 -12.54
C PRO A 487 -7.65 -4.39 -11.71
N ASN A 488 -7.16 -4.82 -10.54
CA ASN A 488 -6.50 -3.88 -9.63
C ASN A 488 -5.45 -4.64 -8.81
N ASN A 489 -4.80 -3.93 -7.89
CA ASN A 489 -3.69 -4.48 -7.13
C ASN A 489 -4.08 -4.98 -5.75
N GLY A 490 -5.34 -4.83 -5.37
CA GLY A 490 -5.82 -5.52 -4.19
C GLY A 490 -5.78 -7.02 -4.41
N THR A 491 -5.90 -7.76 -3.31
CA THR A 491 -6.03 -9.20 -3.38
C THR A 491 -7.45 -9.52 -2.94
N HIS A 492 -8.28 -9.91 -3.90
CA HIS A 492 -9.71 -10.04 -3.66
C HIS A 492 -9.97 -11.22 -2.72
N GLY A 493 -10.60 -10.94 -1.58
CA GLY A 493 -10.78 -11.93 -0.54
C GLY A 493 -9.85 -11.77 0.65
N SER A 494 -8.87 -10.87 0.59
CA SER A 494 -7.95 -10.70 1.71
C SER A 494 -8.58 -9.90 2.84
N LEU A 495 -9.68 -9.20 2.57
CA LEU A 495 -10.39 -8.43 3.59
C LEU A 495 -11.75 -9.03 3.95
N ASN A 496 -11.96 -10.33 3.69
CA ASN A 496 -13.27 -10.92 3.94
C ASN A 496 -13.65 -10.81 5.42
N HIS A 497 -12.67 -10.82 6.32
CA HIS A 497 -12.95 -10.73 7.74
C HIS A 497 -13.52 -9.39 8.18
N LEU A 498 -13.57 -8.38 7.30
CA LEU A 498 -14.22 -7.13 7.63
C LEU A 498 -15.73 -7.20 7.53
N LEU A 499 -16.25 -8.14 6.74
CA LEU A 499 -17.67 -8.17 6.36
C LEU A 499 -18.39 -9.30 7.08
N ARG A 500 -19.65 -9.06 7.44
CA ARG A 500 -20.49 -10.14 7.90
C ARG A 500 -21.19 -10.86 6.76
N THR A 501 -21.22 -10.29 5.56
CA THR A 501 -21.86 -10.98 4.45
C THR A 501 -21.35 -10.36 3.16
N ASN A 502 -21.80 -10.93 2.04
CA ASN A 502 -21.46 -10.46 0.69
C ASN A 502 -19.96 -10.57 0.42
N THR A 503 -19.31 -11.52 1.04
CA THR A 503 -17.87 -11.69 0.86
C THR A 503 -17.57 -12.28 -0.52
N PHE A 504 -16.32 -12.15 -0.92
CA PHE A 504 -15.82 -12.78 -2.14
C PHE A 504 -15.20 -14.12 -1.78
N ARG A 505 -15.51 -15.16 -2.54
CA ARG A 505 -14.81 -16.39 -2.19
C ARG A 505 -13.66 -16.63 -3.13
N PRO A 506 -12.43 -16.43 -2.66
CA PRO A 506 -11.26 -16.63 -3.52
C PRO A 506 -11.10 -18.09 -3.85
N THR A 507 -10.45 -18.33 -5.00
CA THR A 507 -10.13 -19.67 -5.48
C THR A 507 -8.62 -19.73 -5.68
N MET A 508 -7.99 -20.71 -5.05
CA MET A 508 -6.56 -20.88 -5.20
C MET A 508 -6.24 -21.15 -6.67
N PRO A 509 -5.26 -20.46 -7.24
CA PRO A 509 -4.95 -20.67 -8.67
C PRO A 509 -4.40 -22.07 -8.95
N ASP A 510 -4.82 -22.67 -10.08
CA ASP A 510 -4.32 -23.98 -10.46
C ASP A 510 -2.82 -23.90 -10.74
N GLU A 511 -2.10 -24.96 -10.38
CA GLU A 511 -0.69 -25.04 -10.70
C GLU A 511 -0.53 -25.25 -12.20
N VAL A 512 0.36 -24.48 -12.83
CA VAL A 512 0.49 -24.45 -14.28
C VAL A 512 1.63 -25.34 -14.76
N SER A 513 2.74 -25.36 -14.03
CA SER A 513 3.88 -26.21 -14.37
C SER A 513 4.05 -27.26 -13.29
N ARG A 514 4.05 -28.50 -13.69
CA ARG A 514 4.22 -29.57 -12.75
C ARG A 514 5.71 -29.91 -12.61
N PRO A 515 6.23 -30.26 -11.44
CA PRO A 515 7.67 -30.54 -11.36
C PRO A 515 8.05 -31.95 -11.76
N ASN A 516 9.29 -32.08 -12.21
CA ASN A 516 9.95 -33.38 -12.30
C ASN A 516 10.59 -33.71 -10.95
N TYR A 517 10.74 -34.99 -10.69
CA TYR A 517 11.47 -35.49 -9.52
C TYR A 517 12.63 -36.36 -9.99
N PRO A 518 13.76 -35.77 -10.34
CA PRO A 518 14.86 -36.54 -10.94
C PRO A 518 15.61 -37.36 -9.91
N GLY A 519 15.93 -38.60 -10.28
CA GLY A 519 16.85 -39.42 -9.52
C GLY A 519 18.26 -39.22 -10.02
N ILE A 520 19.11 -40.21 -9.74
CA ILE A 520 20.48 -40.18 -10.24
C ILE A 520 20.44 -40.52 -11.73
N MET A 521 20.67 -39.53 -12.58
CA MET A 521 20.59 -39.75 -14.01
C MET A 521 21.92 -39.59 -14.70
N TYR A 522 22.95 -39.09 -14.02
CA TYR A 522 24.20 -38.70 -14.65
C TYR A 522 25.38 -39.10 -13.79
N LEU A 523 26.51 -39.35 -14.44
CA LEU A 523 27.73 -39.72 -13.76
C LEU A 523 28.55 -38.48 -13.47
N GLN A 524 29.17 -38.45 -12.30
CA GLN A 524 30.07 -37.35 -11.94
C GLN A 524 31.12 -37.11 -13.00
N SER A 525 31.41 -38.11 -13.83
CA SER A 525 32.39 -38.06 -14.91
C SER A 525 31.90 -37.31 -16.15
N GLU A 526 30.60 -37.07 -16.29
CA GLU A 526 30.06 -36.41 -17.47
C GLU A 526 30.16 -34.90 -17.43
N PHE A 527 30.71 -34.32 -16.37
CA PHE A 527 30.51 -32.91 -16.07
C PHE A 527 31.76 -32.12 -16.43
N ASP A 528 31.59 -31.11 -17.30
CA ASP A 528 32.62 -30.14 -17.66
C ASP A 528 32.74 -29.09 -16.56
N LEU A 529 31.96 -28.02 -16.68
CA LEU A 529 31.68 -27.08 -15.59
C LEU A 529 32.91 -26.33 -15.09
N GLY A 530 34.06 -27.00 -14.98
CA GLY A 530 35.27 -26.33 -14.55
C GLY A 530 35.32 -25.97 -13.07
N CYS A 531 34.53 -26.66 -12.25
CA CYS A 531 34.53 -26.46 -10.80
C CYS A 531 35.44 -27.46 -10.14
N THR A 532 35.88 -27.14 -8.92
CA THR A 532 36.68 -28.05 -8.12
C THR A 532 36.11 -28.12 -6.71
N CYS A 533 36.43 -29.20 -6.01
CA CYS A 533 35.99 -29.31 -4.62
C CYS A 533 36.82 -30.33 -3.87
N ASP A 534 37.40 -29.90 -2.74
CA ASP A 534 38.06 -30.85 -1.84
C ASP A 534 37.07 -31.57 -0.91
N GLY A 554 12.37 -38.68 -0.21
CA GLY A 554 12.94 -37.75 0.73
C GLY A 554 11.83 -37.00 1.43
N SER A 555 11.26 -37.63 2.45
CA SER A 555 10.09 -37.07 3.12
C SER A 555 10.29 -36.84 4.60
N THR A 556 11.38 -37.32 5.19
CA THR A 556 11.94 -36.62 6.34
C THR A 556 12.23 -35.16 5.96
N LYS A 557 12.64 -34.94 4.71
CA LYS A 557 12.94 -33.60 4.23
C LYS A 557 11.73 -32.67 4.32
N GLU A 558 10.52 -33.23 4.34
CA GLU A 558 9.33 -32.43 4.70
C GLU A 558 9.27 -32.11 6.18
N ARG A 559 10.42 -31.90 6.82
CA ARG A 559 10.57 -30.97 7.93
C ARG A 559 10.99 -29.59 7.42
N HIS A 560 11.27 -29.48 6.13
CA HIS A 560 11.76 -28.25 5.52
C HIS A 560 10.72 -27.59 4.62
N LEU A 561 9.66 -28.30 4.26
CA LEU A 561 8.58 -27.78 3.42
C LEU A 561 7.29 -27.78 4.24
N LEU A 562 7.07 -26.72 5.02
CA LEU A 562 6.01 -26.77 6.02
C LEU A 562 4.63 -26.46 5.46
N TYR A 563 4.52 -25.71 4.36
CA TYR A 563 3.23 -25.24 3.88
C TYR A 563 2.97 -25.72 2.45
N GLY A 564 3.45 -26.91 2.12
CA GLY A 564 3.34 -27.43 0.77
C GLY A 564 4.32 -26.75 -0.17
N ARG A 565 4.52 -27.38 -1.33
CA ARG A 565 5.41 -26.78 -2.28
C ARG A 565 4.76 -25.54 -2.91
N PRO A 566 5.55 -24.51 -3.19
CA PRO A 566 5.04 -23.40 -3.98
C PRO A 566 4.55 -23.89 -5.34
N ALA A 567 3.41 -23.37 -5.78
CA ALA A 567 2.96 -23.66 -7.14
C ALA A 567 3.61 -22.70 -8.13
N VAL A 568 3.99 -23.24 -9.27
CA VAL A 568 4.58 -22.46 -10.35
C VAL A 568 3.45 -22.11 -11.31
N LEU A 569 3.15 -20.82 -11.44
CA LEU A 569 1.97 -20.37 -12.17
C LEU A 569 2.28 -19.87 -13.58
N TYR A 570 3.42 -20.30 -14.13
CA TYR A 570 3.75 -20.07 -15.52
C TYR A 570 4.37 -21.35 -16.09
N ARG A 571 4.46 -21.41 -17.42
CA ARG A 571 4.91 -22.62 -18.10
C ARG A 571 6.43 -22.68 -18.13
N THR A 572 6.98 -23.77 -17.61
CA THR A 572 8.42 -23.90 -17.46
C THR A 572 8.73 -25.34 -17.08
N SER A 573 10.01 -25.68 -17.14
CA SER A 573 10.51 -26.99 -16.75
C SER A 573 11.39 -26.83 -15.52
N TYR A 574 11.08 -27.56 -14.45
CA TYR A 574 11.84 -27.43 -13.22
C TYR A 574 11.77 -28.74 -12.45
N ASP A 575 12.68 -28.88 -11.48
CA ASP A 575 12.89 -30.12 -10.73
C ASP A 575 12.80 -29.83 -9.23
N ILE A 576 12.13 -30.72 -8.51
CA ILE A 576 12.24 -30.73 -7.05
C ILE A 576 13.49 -31.51 -6.67
N LEU A 577 14.32 -30.91 -5.81
CA LEU A 577 15.55 -31.55 -5.35
C LEU A 577 15.51 -31.63 -3.83
N TYR A 578 15.79 -32.83 -3.31
CA TYR A 578 15.74 -33.10 -1.89
C TYR A 578 17.16 -33.23 -1.33
N HIS A 579 17.34 -32.73 -0.12
CA HIS A 579 18.59 -32.86 0.62
C HIS A 579 18.25 -33.00 2.09
N THR A 580 19.24 -33.43 2.87
CA THR A 580 19.05 -33.52 4.31
C THR A 580 18.54 -32.22 4.90
N ASP A 581 19.12 -31.09 4.50
CA ASP A 581 18.88 -29.83 5.19
C ASP A 581 17.91 -28.88 4.47
N PHE A 582 17.49 -29.19 3.24
CA PHE A 582 16.71 -28.23 2.45
C PHE A 582 16.13 -28.88 1.21
N GLU A 583 15.07 -28.27 0.71
CA GLU A 583 14.43 -28.67 -0.54
C GLU A 583 14.41 -27.49 -1.52
N SER A 584 14.52 -27.78 -2.80
CA SER A 584 14.50 -26.71 -3.79
C SER A 584 13.69 -27.09 -5.02
N GLY A 585 13.11 -26.07 -5.65
CA GLY A 585 12.56 -26.14 -6.98
C GLY A 585 13.55 -25.52 -7.96
N TYR A 586 14.26 -26.37 -8.70
CA TYR A 586 15.38 -25.95 -9.54
C TYR A 586 14.91 -25.75 -10.98
N SER A 587 15.06 -24.53 -11.49
CA SER A 587 14.62 -24.22 -12.86
C SER A 587 15.68 -24.66 -13.87
N GLU A 588 15.26 -25.52 -14.80
CA GLU A 588 16.13 -25.87 -15.91
C GLU A 588 16.27 -24.74 -16.92
N ILE A 589 15.42 -23.73 -16.83
CA ILE A 589 15.49 -22.62 -17.77
C ILE A 589 16.41 -21.52 -17.27
N PHE A 590 16.34 -21.17 -16.00
CA PHE A 590 17.21 -20.11 -15.48
C PHE A 590 18.46 -20.67 -14.80
N LEU A 591 18.62 -21.99 -14.76
CA LEU A 591 19.83 -22.65 -14.28
C LEU A 591 20.06 -22.41 -12.79
N MET A 592 18.98 -22.23 -12.03
CA MET A 592 19.11 -21.93 -10.61
C MET A 592 17.77 -22.18 -9.95
N PRO A 593 17.71 -22.28 -8.62
CA PRO A 593 16.42 -22.53 -7.97
C PRO A 593 15.47 -21.34 -8.13
N LEU A 594 14.19 -21.64 -8.34
CA LEU A 594 13.18 -20.59 -8.19
C LEU A 594 12.91 -20.32 -6.72
N TRP A 595 13.07 -21.34 -5.89
CA TRP A 595 12.85 -21.29 -4.46
C TRP A 595 13.69 -22.37 -3.79
N THR A 596 14.13 -22.08 -2.57
CA THR A 596 14.83 -23.00 -1.70
C THR A 596 14.23 -22.88 -0.31
N SER A 597 13.82 -23.99 0.27
CA SER A 597 13.04 -24.00 1.50
C SER A 597 13.78 -24.78 2.57
N TYR A 598 13.89 -24.21 3.78
CA TYR A 598 14.56 -24.95 4.84
C TYR A 598 14.11 -24.41 6.19
N THR A 599 14.15 -25.28 7.21
CA THR A 599 13.72 -24.94 8.56
C THR A 599 14.91 -24.97 9.49
N ILE A 600 15.03 -23.93 10.31
CA ILE A 600 16.11 -23.72 11.29
C ILE A 600 15.47 -23.67 12.66
N SER A 601 15.79 -24.63 13.51
CA SER A 601 15.11 -24.62 14.81
C SER A 601 15.80 -23.63 15.77
N LYS A 602 15.08 -23.32 16.85
CA LYS A 602 15.56 -22.39 17.88
C LYS A 602 16.99 -22.68 18.32
N GLN A 603 17.35 -23.95 18.43
CA GLN A 603 18.63 -24.37 19.01
C GLN A 603 19.67 -24.73 17.95
N ALA A 604 19.47 -24.30 16.72
CA ALA A 604 20.40 -24.65 15.65
C ALA A 604 21.76 -24.01 15.90
N GLU A 605 22.81 -24.72 15.52
CA GLU A 605 24.15 -24.18 15.68
C GLU A 605 24.70 -23.73 14.34
N VAL A 606 25.42 -22.62 14.35
CA VAL A 606 26.06 -22.06 13.17
C VAL A 606 27.48 -22.56 13.13
N SER A 607 27.88 -23.14 12.01
CA SER A 607 29.27 -23.50 11.77
C SER A 607 29.81 -22.58 10.69
N SER A 608 31.09 -22.71 10.39
CA SER A 608 31.71 -21.86 9.38
C SER A 608 31.76 -22.60 8.05
N ILE A 609 32.35 -21.94 7.07
CA ILE A 609 32.69 -22.57 5.79
C ILE A 609 34.13 -23.05 5.88
N PRO A 610 34.39 -24.36 5.98
CA PRO A 610 35.76 -24.84 6.17
C PRO A 610 36.70 -24.25 5.13
N GLU A 611 37.95 -24.02 5.54
CA GLU A 611 38.92 -23.41 4.65
C GLU A 611 39.09 -24.23 3.36
N HIS A 612 39.13 -25.56 3.48
CA HIS A 612 39.29 -26.45 2.33
C HIS A 612 38.06 -26.52 1.44
N LEU A 613 36.96 -25.87 1.83
CA LEU A 613 35.72 -25.91 1.06
C LEU A 613 35.29 -24.54 0.57
N THR A 614 36.02 -23.47 0.91
CA THR A 614 35.56 -22.14 0.55
C THR A 614 35.28 -22.00 -0.94
N ASN A 615 36.12 -22.61 -1.79
CA ASN A 615 35.95 -22.50 -3.24
C ASN A 615 35.37 -23.78 -3.86
N CYS A 616 34.63 -24.56 -3.09
CA CYS A 616 34.09 -25.84 -3.55
C CYS A 616 32.74 -25.67 -4.23
N VAL A 617 32.63 -26.15 -5.47
CA VAL A 617 31.36 -26.33 -6.15
C VAL A 617 31.32 -27.76 -6.66
N ARG A 618 30.17 -28.43 -6.47
CA ARG A 618 30.02 -29.83 -6.84
C ARG A 618 28.94 -29.99 -7.91
N PRO A 619 29.15 -30.87 -8.89
CA PRO A 619 28.07 -31.19 -9.83
C PRO A 619 26.97 -31.97 -9.16
N ASP A 620 25.75 -31.81 -9.67
CA ASP A 620 24.56 -32.47 -9.14
C ASP A 620 24.17 -33.55 -10.14
N VAL A 621 24.28 -34.81 -9.74
CA VAL A 621 24.04 -35.91 -10.66
C VAL A 621 22.58 -36.02 -11.08
N ARG A 622 21.68 -35.30 -10.40
CA ARG A 622 20.28 -35.32 -10.79
C ARG A 622 19.97 -34.44 -11.98
N VAL A 623 20.87 -33.51 -12.33
CA VAL A 623 20.60 -32.45 -13.31
C VAL A 623 21.64 -32.50 -14.41
N SER A 624 21.17 -32.50 -15.65
CA SER A 624 22.06 -32.61 -16.81
C SER A 624 23.14 -31.53 -16.74
N PRO A 625 24.37 -31.84 -17.17
CA PRO A 625 25.38 -30.79 -17.32
C PRO A 625 24.90 -29.64 -18.17
N GLY A 626 24.12 -29.92 -19.22
CA GLY A 626 23.57 -28.89 -20.08
C GLY A 626 22.56 -27.98 -19.41
N PHE A 627 22.03 -28.37 -18.24
CA PHE A 627 21.05 -27.58 -17.51
C PHE A 627 21.59 -27.15 -16.16
N SER A 628 22.90 -27.07 -16.04
CA SER A 628 23.57 -26.56 -14.85
C SER A 628 24.38 -25.33 -15.21
N GLN A 629 24.72 -24.55 -14.18
CA GLN A 629 25.73 -23.51 -14.31
C GLN A 629 27.12 -24.15 -14.37
N ASN A 630 28.13 -23.31 -14.61
CA ASN A 630 29.50 -23.78 -14.62
C ASN A 630 30.40 -22.70 -14.03
N CYS A 631 31.55 -23.12 -13.52
CA CYS A 631 32.47 -22.20 -12.85
C CYS A 631 33.37 -21.42 -13.80
N LEU A 632 33.44 -21.82 -15.07
CA LEU A 632 34.20 -21.04 -16.04
C LEU A 632 33.60 -19.65 -16.23
N ALA A 633 32.27 -19.56 -16.33
CA ALA A 633 31.61 -18.27 -16.47
C ALA A 633 31.98 -17.35 -15.32
N TYR A 634 31.97 -17.85 -14.09
CA TYR A 634 32.31 -16.96 -12.99
C TYR A 634 33.77 -16.51 -13.07
N LYS A 635 34.68 -17.43 -13.37
CA LYS A 635 36.08 -17.04 -13.50
C LYS A 635 36.26 -15.99 -14.60
N ASN A 636 35.51 -16.10 -15.68
CA ASN A 636 35.62 -15.13 -16.76
C ASN A 636 34.86 -13.83 -16.48
N ASP A 637 33.86 -13.84 -15.60
CA ASP A 637 33.13 -12.62 -15.27
C ASP A 637 33.90 -11.94 -14.15
N LYS A 638 34.63 -10.89 -14.49
CA LYS A 638 35.52 -10.20 -13.57
C LYS A 638 34.78 -9.46 -12.47
N GLN A 639 33.47 -9.28 -12.60
CA GLN A 639 32.70 -8.51 -11.63
C GLN A 639 31.75 -9.36 -10.82
N MET A 640 31.49 -10.59 -11.25
CA MET A 640 30.46 -11.42 -10.66
C MET A 640 31.10 -12.56 -9.87
N SER A 641 30.68 -12.72 -8.63
CA SER A 641 30.99 -13.93 -7.89
C SER A 641 29.75 -14.80 -7.84
N TYR A 642 29.66 -15.70 -6.87
CA TYR A 642 28.51 -16.56 -6.68
C TYR A 642 28.28 -16.78 -5.19
N GLY A 643 27.03 -17.10 -4.85
CA GLY A 643 26.65 -17.42 -3.49
C GLY A 643 25.74 -18.64 -3.49
N PHE A 644 25.21 -18.97 -2.32
CA PHE A 644 24.38 -20.16 -2.17
C PHE A 644 23.07 -19.80 -1.48
N LEU A 645 21.97 -20.40 -1.95
CA LEU A 645 20.66 -20.08 -1.37
C LEU A 645 20.49 -20.75 -0.02
N PHE A 646 20.67 -22.06 0.06
CA PHE A 646 20.75 -22.64 1.39
C PHE A 646 22.14 -22.38 1.96
N PRO A 647 22.24 -21.81 3.15
CA PRO A 647 23.53 -21.42 3.70
C PRO A 647 24.32 -22.62 4.21
N PRO A 648 25.56 -22.77 3.78
CA PRO A 648 26.40 -23.82 4.38
C PRO A 648 26.62 -23.59 5.87
N TYR A 649 26.52 -22.35 6.33
CA TYR A 649 26.69 -22.02 7.74
C TYR A 649 25.73 -22.80 8.65
N LEU A 650 24.62 -23.29 8.12
CA LEU A 650 23.55 -23.88 8.91
C LEU A 650 23.39 -25.38 8.67
N SER A 651 24.37 -26.02 8.04
CA SER A 651 24.34 -27.46 7.80
C SER A 651 24.20 -28.24 9.11
N SER A 652 23.54 -29.39 9.04
CA SER A 652 23.25 -30.15 10.25
C SER A 652 24.36 -31.10 10.63
N SER A 653 25.46 -31.14 9.88
CA SER A 653 26.51 -32.12 10.10
C SER A 653 27.59 -31.88 9.06
N PRO A 654 28.85 -32.23 9.36
CA PRO A 654 29.91 -32.12 8.35
C PRO A 654 29.59 -32.78 7.02
N GLU A 655 28.97 -33.97 7.03
CA GLU A 655 28.67 -34.64 5.76
C GLU A 655 27.57 -33.91 5.00
N ALA A 656 26.55 -33.40 5.71
CA ALA A 656 25.45 -32.72 5.02
C ALA A 656 25.93 -31.45 4.34
N LYS A 657 26.96 -30.80 4.88
CA LYS A 657 27.37 -29.49 4.39
C LYS A 657 27.80 -29.56 2.93
N TYR A 658 28.29 -30.72 2.48
CA TYR A 658 28.70 -30.84 1.09
C TYR A 658 27.54 -30.59 0.14
N ASP A 659 26.31 -30.89 0.57
CA ASP A 659 25.12 -30.60 -0.24
C ASP A 659 25.01 -29.11 -0.52
N ALA A 660 25.32 -28.27 0.47
CA ALA A 660 25.15 -26.83 0.30
C ALA A 660 26.04 -26.26 -0.81
N PHE A 661 27.06 -27.00 -1.26
CA PHE A 661 27.98 -26.54 -2.30
C PHE A 661 27.64 -27.09 -3.69
N LEU A 662 26.52 -27.80 -3.83
CA LEU A 662 26.09 -28.27 -5.14
C LEU A 662 25.88 -27.10 -6.10
N VAL A 663 26.17 -27.37 -7.38
CA VAL A 663 26.02 -26.34 -8.40
C VAL A 663 24.56 -25.90 -8.50
N THR A 664 23.63 -26.79 -8.15
CA THR A 664 22.21 -26.47 -8.17
C THR A 664 21.77 -25.58 -7.00
N ASN A 665 22.65 -25.31 -6.04
CA ASN A 665 22.32 -24.42 -4.94
C ASN A 665 22.93 -23.05 -5.11
N MET A 666 23.62 -22.83 -6.23
CA MET A 666 24.48 -21.68 -6.44
C MET A 666 23.73 -20.62 -7.25
N VAL A 667 24.00 -19.36 -6.96
CA VAL A 667 23.35 -18.24 -7.66
C VAL A 667 24.37 -17.12 -7.83
N PRO A 668 24.23 -16.34 -8.91
CA PRO A 668 25.23 -15.28 -9.18
C PRO A 668 25.10 -14.14 -8.18
N MET A 669 26.23 -13.70 -7.63
CA MET A 669 26.21 -12.63 -6.64
C MET A 669 27.43 -11.74 -6.80
N TYR A 670 27.18 -10.43 -6.90
CA TYR A 670 28.28 -9.48 -6.77
C TYR A 670 28.96 -9.63 -5.42
N PRO A 671 30.28 -9.41 -5.37
CA PRO A 671 30.99 -9.32 -4.08
C PRO A 671 30.36 -8.36 -3.07
N ALA A 672 29.95 -7.16 -3.50
CA ALA A 672 29.33 -6.22 -2.56
C ALA A 672 28.05 -6.78 -1.97
N PHE A 673 27.28 -7.51 -2.78
CA PHE A 673 26.07 -8.16 -2.26
C PHE A 673 26.39 -9.34 -1.38
N LYS A 674 27.55 -9.99 -1.57
CA LYS A 674 27.87 -11.14 -0.73
C LYS A 674 28.08 -10.74 0.72
N ARG A 675 28.61 -9.53 0.96
CA ARG A 675 28.71 -9.01 2.33
C ARG A 675 27.36 -9.04 3.03
N VAL A 676 26.32 -8.61 2.32
CA VAL A 676 24.97 -8.60 2.88
C VAL A 676 24.47 -10.02 3.07
N TRP A 677 24.54 -10.83 2.00
CA TRP A 677 23.95 -12.17 2.02
C TRP A 677 24.64 -13.07 3.03
N ALA A 678 25.97 -13.02 3.12
CA ALA A 678 26.69 -13.82 4.09
C ALA A 678 26.31 -13.44 5.52
N TYR A 679 26.08 -12.15 5.76
CA TYR A 679 25.69 -11.71 7.09
C TYR A 679 24.29 -12.21 7.42
N PHE A 680 23.35 -12.03 6.49
CA PHE A 680 22.01 -12.58 6.67
C PHE A 680 22.04 -14.08 6.95
N GLN A 681 22.78 -14.84 6.14
CA GLN A 681 22.78 -16.30 6.28
C GLN A 681 23.53 -16.77 7.53
N ARG A 682 24.66 -16.14 7.85
CA ARG A 682 25.47 -16.60 8.96
C ARG A 682 24.95 -16.08 10.29
N VAL A 683 24.47 -14.84 10.32
CA VAL A 683 24.14 -14.15 11.55
C VAL A 683 22.63 -14.05 11.77
N LEU A 684 21.91 -13.53 10.78
CA LEU A 684 20.54 -13.11 11.03
C LEU A 684 19.55 -14.28 11.05
N VAL A 685 19.74 -15.30 10.20
CA VAL A 685 18.82 -16.44 10.22
C VAL A 685 18.81 -17.11 11.60
N LYS A 686 20.00 -17.41 12.13
CA LYS A 686 20.07 -17.96 13.49
C LYS A 686 19.37 -17.03 14.48
N LYS A 687 19.58 -15.72 14.36
CA LYS A 687 18.93 -14.78 15.28
C LYS A 687 17.42 -14.89 15.22
N TYR A 688 16.85 -14.89 14.00
CA TYR A 688 15.40 -14.97 13.87
C TYR A 688 14.88 -16.29 14.43
N ALA A 689 15.56 -17.40 14.09
CA ALA A 689 15.14 -18.71 14.62
C ALA A 689 15.17 -18.72 16.14
N SER A 690 16.19 -18.09 16.73
CA SER A 690 16.28 -18.01 18.19
C SER A 690 15.23 -17.11 18.78
N GLU A 691 14.69 -16.16 18.01
CA GLU A 691 13.69 -15.23 18.54
C GLU A 691 12.29 -15.76 18.39
N ARG A 692 12.06 -16.62 17.42
CA ARG A 692 10.72 -16.96 17.00
C ARG A 692 10.40 -18.42 17.25
N ASN A 693 11.23 -19.12 18.04
CA ASN A 693 11.09 -20.56 18.26
C ASN A 693 11.15 -21.30 16.92
N GLY A 694 12.23 -21.04 16.18
CA GLY A 694 12.46 -21.62 14.87
C GLY A 694 11.84 -20.80 13.76
N VAL A 695 12.42 -20.90 12.57
CA VAL A 695 11.85 -20.27 11.39
C VAL A 695 11.98 -21.20 10.19
N ASN A 696 10.98 -21.14 9.31
CA ASN A 696 11.07 -21.70 7.98
C ASN A 696 11.38 -20.56 7.03
N VAL A 697 12.39 -20.77 6.18
CA VAL A 697 12.91 -19.75 5.28
C VAL A 697 12.73 -20.25 3.85
N ILE A 698 12.24 -19.39 2.97
CA ILE A 698 12.20 -19.67 1.54
C ILE A 698 12.90 -18.51 0.83
N SER A 699 13.96 -18.84 0.07
CA SER A 699 14.82 -17.85 -0.56
C SER A 699 14.91 -18.16 -2.05
N GLY A 700 15.06 -17.12 -2.87
CA GLY A 700 15.24 -17.34 -4.29
C GLY A 700 15.53 -16.05 -5.03
N PRO A 701 15.74 -16.15 -6.33
CA PRO A 701 16.06 -14.99 -7.15
C PRO A 701 14.81 -14.32 -7.72
N ILE A 702 14.98 -13.05 -8.08
CA ILE A 702 13.98 -12.26 -8.79
C ILE A 702 14.64 -11.57 -9.97
N PHE A 703 13.94 -11.55 -11.10
CA PHE A 703 14.35 -10.87 -12.32
C PHE A 703 13.27 -9.86 -12.68
N ASP A 704 13.58 -8.58 -12.57
CA ASP A 704 12.63 -7.53 -12.93
C ASP A 704 13.41 -6.37 -13.56
N TYR A 705 13.90 -6.62 -14.77
CA TYR A 705 14.75 -5.64 -15.44
C TYR A 705 13.95 -4.45 -15.95
N ASN A 706 12.66 -4.63 -16.26
CA ASN A 706 11.80 -3.53 -16.67
C ASN A 706 11.05 -2.90 -15.50
N TYR A 707 11.37 -3.27 -14.26
CA TYR A 707 10.84 -2.66 -13.03
C TYR A 707 9.34 -2.43 -13.05
N ASP A 708 8.59 -3.43 -13.52
CA ASP A 708 7.13 -3.34 -13.45
C ASP A 708 6.56 -4.13 -12.27
N GLY A 709 7.42 -4.65 -11.40
CA GLY A 709 6.90 -5.47 -10.30
C GLY A 709 6.46 -6.86 -10.70
N LEU A 710 6.75 -7.29 -11.91
CA LEU A 710 6.24 -8.55 -12.43
C LEU A 710 7.40 -9.42 -12.91
N ARG A 711 7.30 -10.71 -12.66
CA ARG A 711 8.26 -11.70 -13.14
C ARG A 711 8.62 -11.49 -14.59
N ASP A 712 9.90 -11.27 -14.86
CA ASP A 712 10.39 -11.14 -16.23
C ASP A 712 10.28 -12.48 -16.98
N THR A 713 9.85 -12.42 -18.23
CA THR A 713 10.14 -13.54 -19.12
C THR A 713 11.61 -13.52 -19.50
N GLU A 714 12.08 -14.61 -20.13
CA GLU A 714 13.49 -14.73 -20.45
C GLU A 714 13.93 -13.66 -21.42
N ASP A 715 13.00 -13.16 -22.25
CA ASP A 715 13.33 -12.15 -23.24
C ASP A 715 13.70 -10.83 -22.58
N GLU A 716 13.19 -10.58 -21.37
CA GLU A 716 13.36 -9.28 -20.74
C GLU A 716 14.60 -9.21 -19.86
N ILE A 717 15.19 -10.35 -19.53
CA ILE A 717 16.43 -10.39 -18.76
C ILE A 717 17.55 -9.80 -19.61
N LYS A 718 18.26 -8.82 -19.08
CA LYS A 718 19.23 -8.07 -19.85
C LYS A 718 20.66 -8.32 -19.44
N GLN A 719 20.91 -9.13 -18.41
CA GLN A 719 22.26 -9.33 -17.92
C GLN A 719 22.50 -10.80 -17.62
N TYR A 720 23.61 -11.32 -18.11
CA TYR A 720 24.01 -12.71 -17.91
C TYR A 720 25.46 -12.75 -17.46
N VAL A 721 25.82 -13.82 -16.75
CA VAL A 721 27.21 -13.98 -16.35
C VAL A 721 28.04 -14.11 -17.61
N GLU A 722 29.21 -13.49 -17.60
CA GLU A 722 30.02 -13.31 -18.81
C GLU A 722 30.14 -14.59 -19.62
N GLY A 723 29.79 -14.50 -20.89
CA GLY A 723 29.96 -15.61 -21.81
C GLY A 723 29.10 -16.81 -21.50
N SER A 724 27.95 -16.61 -20.87
CA SER A 724 27.12 -17.72 -20.42
C SER A 724 25.66 -17.38 -20.65
N SER A 725 24.80 -18.36 -20.38
CA SER A 725 23.35 -18.17 -20.36
C SER A 725 22.81 -18.10 -18.94
N ILE A 726 23.66 -17.81 -17.96
CA ILE A 726 23.25 -17.72 -16.56
C ILE A 726 22.73 -16.30 -16.32
N PRO A 727 21.43 -16.11 -16.10
CA PRO A 727 20.89 -14.76 -15.92
C PRO A 727 21.23 -14.22 -14.54
N VAL A 728 21.39 -12.90 -14.45
CA VAL A 728 21.72 -12.22 -13.21
C VAL A 728 20.42 -11.72 -12.57
N PRO A 729 20.09 -12.16 -11.36
CA PRO A 729 18.91 -11.61 -10.67
C PRO A 729 19.07 -10.14 -10.34
N THR A 730 17.96 -9.41 -10.39
CA THR A 730 17.96 -8.03 -9.91
C THR A 730 17.76 -7.94 -8.41
N HIS A 731 17.20 -8.97 -7.81
CA HIS A 731 16.89 -8.97 -6.39
C HIS A 731 16.96 -10.40 -5.88
N TYR A 732 17.07 -10.55 -4.55
CA TYR A 732 16.88 -11.85 -3.92
C TYR A 732 15.89 -11.67 -2.79
N TYR A 733 15.00 -12.66 -2.64
CA TYR A 733 13.93 -12.61 -1.67
C TYR A 733 14.17 -13.65 -0.58
N SER A 734 13.56 -13.43 0.57
CA SER A 734 13.44 -14.48 1.55
C SER A 734 12.11 -14.28 2.25
N ILE A 735 11.38 -15.37 2.47
CA ILE A 735 10.15 -15.37 3.27
C ILE A 735 10.43 -16.18 4.53
N ILE A 736 10.19 -15.57 5.69
CA ILE A 736 10.56 -16.18 6.97
C ILE A 736 9.29 -16.37 7.79
N THR A 737 8.91 -17.62 8.01
CA THR A 737 7.63 -17.98 8.62
C THR A 737 7.86 -18.69 9.95
N SER A 738 6.98 -18.44 10.91
CA SER A 738 7.02 -19.13 12.20
C SER A 738 5.60 -19.15 12.74
N CYS A 739 5.44 -19.64 13.96
CA CYS A 739 4.11 -19.76 14.54
C CYS A 739 3.76 -18.45 15.20
N LEU A 740 2.54 -17.96 14.97
CA LEU A 740 2.14 -16.74 15.66
C LEU A 740 2.14 -16.95 17.17
N ASP A 741 1.73 -18.14 17.60
CA ASP A 741 1.92 -18.58 18.97
C ASP A 741 3.36 -19.09 19.09
N PHE A 742 4.27 -18.23 19.56
CA PHE A 742 5.69 -18.52 19.70
C PHE A 742 5.99 -19.58 20.77
N THR A 743 5.01 -20.04 21.51
CA THR A 743 5.22 -21.18 22.37
C THR A 743 5.18 -22.48 21.61
N GLN A 744 4.80 -22.45 20.33
CA GLN A 744 4.93 -23.64 19.52
C GLN A 744 6.06 -23.45 18.53
N PRO A 745 6.85 -24.48 18.31
CA PRO A 745 7.96 -24.36 17.35
C PRO A 745 7.43 -24.27 15.92
N ALA A 746 8.28 -23.72 15.04
CA ALA A 746 7.83 -23.43 13.68
C ALA A 746 7.26 -24.68 12.99
N ASP A 747 7.89 -25.84 13.18
CA ASP A 747 7.49 -27.04 12.46
C ASP A 747 6.33 -27.79 13.11
N LYS A 748 5.78 -27.27 14.20
CA LYS A 748 4.68 -27.93 14.89
C LYS A 748 3.62 -26.91 15.26
N CYS A 749 3.30 -26.02 14.32
CA CYS A 749 2.45 -24.87 14.58
C CYS A 749 1.00 -25.23 14.33
N ASP A 750 0.13 -24.98 15.31
CA ASP A 750 -1.29 -25.26 15.11
C ASP A 750 -2.00 -24.12 14.37
N GLY A 751 -2.17 -22.96 14.99
CA GLY A 751 -3.02 -21.91 14.47
C GLY A 751 -2.36 -20.95 13.49
N PRO A 752 -2.60 -19.64 13.68
CA PRO A 752 -2.10 -18.65 12.72
C PRO A 752 -0.58 -18.67 12.61
N LEU A 753 -0.12 -18.21 11.45
CA LEU A 753 1.29 -18.09 11.14
C LEU A 753 1.77 -16.64 11.26
N SER A 754 3.09 -16.48 11.30
CA SER A 754 3.75 -15.20 11.42
C SER A 754 4.84 -15.10 10.37
N VAL A 755 4.86 -14.00 9.62
CA VAL A 755 5.72 -13.92 8.46
C VAL A 755 6.42 -12.58 8.45
N SER A 756 7.70 -12.60 8.06
CA SER A 756 8.39 -11.40 7.62
C SER A 756 9.11 -11.77 6.33
N SER A 757 9.20 -10.83 5.39
CA SER A 757 9.79 -11.12 4.08
C SER A 757 10.58 -9.91 3.60
N PHE A 758 11.49 -10.13 2.66
CA PHE A 758 12.16 -9.00 2.05
C PHE A 758 12.56 -9.31 0.61
N ILE A 759 12.85 -8.25 -0.13
CA ILE A 759 13.29 -8.31 -1.53
C ILE A 759 14.54 -7.44 -1.62
N LEU A 760 15.68 -8.04 -1.54
CA LEU A 760 16.92 -7.26 -1.42
C LEU A 760 17.50 -6.99 -2.81
N PRO A 761 17.77 -5.73 -3.15
CA PRO A 761 18.36 -5.42 -4.48
C PRO A 761 19.75 -6.01 -4.64
N HIS A 762 19.99 -6.65 -5.77
CA HIS A 762 21.29 -7.23 -6.09
C HIS A 762 22.16 -6.14 -6.71
N ARG A 763 22.93 -5.45 -5.87
CA ARG A 763 23.71 -4.32 -6.36
C ARG A 763 25.22 -4.64 -6.33
N PRO A 764 25.98 -4.09 -7.27
CA PRO A 764 27.44 -4.29 -7.26
C PRO A 764 28.17 -3.40 -6.28
N ASP A 765 27.45 -2.54 -5.54
CA ASP A 765 28.07 -1.73 -4.50
C ASP A 765 27.10 -1.64 -3.34
N ASN A 766 27.60 -1.07 -2.25
CA ASN A 766 26.79 -0.77 -1.07
C ASN A 766 26.67 0.73 -0.86
N ASP A 767 26.56 1.48 -1.97
CA ASP A 767 26.41 2.94 -1.88
C ASP A 767 25.10 3.33 -1.19
N GLU A 768 24.07 2.50 -1.29
CA GLU A 768 22.83 2.75 -0.55
C GLU A 768 23.06 2.81 0.96
N SER A 769 24.12 2.17 1.46
CA SER A 769 24.34 2.05 2.90
C SER A 769 25.49 2.95 3.30
N CYS A 770 25.18 4.16 3.79
CA CYS A 770 26.24 5.13 4.08
C CYS A 770 27.19 4.62 5.17
N ALA A 771 26.72 3.72 6.05
CA ALA A 771 27.58 3.18 7.10
C ALA A 771 28.18 1.83 6.74
N SER A 772 28.21 1.46 5.45
CA SER A 772 28.71 0.13 5.07
C SER A 772 30.18 -0.07 5.40
N SER A 773 30.93 0.99 5.67
CA SER A 773 32.33 0.78 6.01
C SER A 773 32.51 0.32 7.44
N GLU A 774 31.51 0.54 8.29
CA GLU A 774 31.54 -0.01 9.63
C GLU A 774 31.19 -1.48 9.59
N ASP A 775 31.19 -2.10 10.77
CA ASP A 775 30.81 -3.51 10.91
C ASP A 775 29.40 -3.74 10.35
N GLU A 776 29.17 -4.96 9.84
CA GLU A 776 27.88 -5.31 9.26
C GLU A 776 26.75 -5.26 10.27
N SER A 777 27.05 -5.45 11.57
CA SER A 777 25.98 -5.35 12.55
C SER A 777 25.41 -3.94 12.66
N LYS A 778 26.05 -2.93 12.05
CA LYS A 778 25.58 -1.56 12.10
C LYS A 778 24.69 -1.16 10.93
N TRP A 779 24.67 -1.91 9.82
CA TRP A 779 23.93 -1.45 8.65
C TRP A 779 23.16 -2.52 7.90
N VAL A 780 23.58 -3.78 7.90
CA VAL A 780 22.95 -4.78 7.04
C VAL A 780 21.48 -4.96 7.41
N GLU A 781 21.17 -5.08 8.69
CA GLU A 781 19.77 -5.26 9.07
C GLU A 781 18.94 -4.01 8.80
N GLU A 782 19.54 -2.83 8.87
CA GLU A 782 18.80 -1.62 8.53
C GLU A 782 18.46 -1.61 7.06
N LEU A 783 19.40 -2.07 6.24
CA LEU A 783 19.12 -2.21 4.81
C LEU A 783 17.99 -3.21 4.57
N MET A 784 17.91 -4.28 5.37
CA MET A 784 16.90 -5.29 5.15
C MET A 784 15.52 -4.80 5.55
N LYS A 785 15.43 -4.07 6.67
CA LYS A 785 14.16 -3.49 7.06
C LYS A 785 13.65 -2.49 6.02
N MET A 786 14.56 -1.74 5.40
CA MET A 786 14.18 -0.81 4.33
C MET A 786 13.59 -1.53 3.14
N HIS A 787 14.00 -2.78 2.90
CA HIS A 787 13.52 -3.55 1.75
C HIS A 787 12.58 -4.68 2.18
N THR A 788 11.88 -4.48 3.28
CA THR A 788 10.81 -5.38 3.66
C THR A 788 9.79 -5.47 2.52
N ALA A 789 9.03 -6.57 2.48
CA ALA A 789 8.03 -6.73 1.44
C ALA A 789 6.90 -7.63 1.91
N ARG A 790 5.81 -7.59 1.17
CA ARG A 790 4.73 -8.55 1.36
C ARG A 790 5.03 -9.82 0.58
N VAL A 791 4.57 -10.97 1.12
CA VAL A 791 4.68 -12.20 0.36
C VAL A 791 4.02 -12.02 -1.01
N ARG A 792 2.89 -11.30 -1.04
CA ARG A 792 2.20 -11.08 -2.30
C ARG A 792 3.08 -10.35 -3.31
N ASP A 793 3.95 -9.42 -2.82
CA ASP A 793 4.91 -8.76 -3.70
C ASP A 793 5.88 -9.77 -4.32
N ILE A 794 6.33 -10.75 -3.53
CA ILE A 794 7.28 -11.72 -4.06
C ILE A 794 6.59 -12.63 -5.07
N GLU A 795 5.30 -12.93 -4.83
CA GLU A 795 4.54 -13.77 -5.75
C GLU A 795 4.39 -13.13 -7.12
N HIS A 796 4.11 -11.81 -7.19
CA HIS A 796 4.07 -11.12 -8.49
C HIS A 796 5.42 -11.20 -9.18
N LEU A 797 6.50 -11.01 -8.44
CA LEU A 797 7.84 -11.00 -9.01
C LEU A 797 8.37 -12.38 -9.39
N THR A 798 7.74 -13.47 -8.96
CA THR A 798 8.29 -14.79 -9.19
C THR A 798 7.37 -15.72 -9.97
N GLY A 799 6.06 -15.44 -10.05
CA GLY A 799 5.17 -16.43 -10.60
C GLY A 799 4.91 -17.62 -9.69
N LEU A 800 5.27 -17.52 -8.41
CA LEU A 800 5.07 -18.58 -7.45
C LEU A 800 3.84 -18.28 -6.59
N ASP A 801 3.24 -19.32 -6.04
CA ASP A 801 2.09 -19.20 -5.14
C ASP A 801 2.36 -19.99 -3.87
N PHE A 802 2.38 -19.32 -2.72
CA PHE A 802 2.89 -19.88 -1.45
C PHE A 802 1.74 -20.29 -0.53
N TYR A 803 2.09 -21.03 0.53
CA TYR A 803 1.15 -21.41 1.59
C TYR A 803 -0.05 -22.19 1.06
N ARG A 804 0.18 -23.13 0.16
CA ARG A 804 -0.96 -23.83 -0.41
C ARG A 804 -1.44 -25.02 0.43
N LYS A 805 -0.66 -25.49 1.40
CA LYS A 805 -1.08 -26.61 2.24
C LYS A 805 -0.87 -26.18 3.68
N THR A 806 -1.92 -25.63 4.29
CA THR A 806 -1.91 -25.26 5.70
C THR A 806 -3.25 -25.71 6.30
N SER A 807 -3.36 -25.60 7.61
CA SER A 807 -4.64 -25.84 8.26
C SER A 807 -5.51 -24.59 8.27
N ARG A 808 -5.08 -23.51 7.63
CA ARG A 808 -5.79 -22.24 7.64
C ARG A 808 -6.72 -22.12 6.43
N SER A 809 -7.79 -21.34 6.60
CA SER A 809 -8.65 -21.04 5.47
C SER A 809 -7.88 -20.22 4.46
N TYR A 810 -8.29 -20.32 3.20
CA TYR A 810 -7.62 -19.59 2.13
C TYR A 810 -7.73 -18.08 2.35
N SER A 811 -8.90 -17.59 2.76
CA SER A 811 -9.03 -16.16 3.03
C SER A 811 -8.07 -15.71 4.11
N GLU A 812 -7.93 -16.49 5.19
CA GLU A 812 -6.91 -16.19 6.18
C GLU A 812 -5.52 -16.16 5.56
N ILE A 813 -5.23 -17.10 4.67
CA ILE A 813 -3.92 -17.13 4.01
C ILE A 813 -3.74 -15.90 3.12
N LEU A 814 -4.82 -15.45 2.48
CA LEU A 814 -4.73 -14.24 1.65
C LEU A 814 -4.36 -13.03 2.49
N THR A 815 -4.89 -12.96 3.71
CA THR A 815 -4.51 -11.92 4.66
C THR A 815 -3.03 -12.01 5.00
N LEU A 816 -2.55 -13.22 5.32
CA LEU A 816 -1.14 -13.43 5.64
C LEU A 816 -0.25 -12.93 4.51
N LYS A 817 -0.64 -13.18 3.26
CA LYS A 817 0.25 -12.83 2.15
C LYS A 817 0.29 -11.35 1.88
N THR A 818 -0.66 -10.59 2.42
CA THR A 818 -0.71 -9.14 2.24
C THR A 818 -0.21 -8.37 3.45
N TYR A 819 0.21 -9.05 4.50
CA TYR A 819 0.84 -8.39 5.63
C TYR A 819 2.21 -7.85 5.23
N LEU A 820 2.55 -6.63 5.64
CA LEU A 820 3.92 -6.10 5.52
C LEU A 820 4.44 -5.74 6.90
N HIS A 821 5.54 -6.38 7.30
CA HIS A 821 6.23 -6.06 8.54
C HIS A 821 7.02 -4.76 8.36
N THR A 822 6.64 -3.71 9.10
CA THR A 822 7.18 -2.38 8.86
C THR A 822 8.18 -1.89 9.90
N TYR A 823 8.23 -2.52 11.08
CA TYR A 823 9.23 -2.21 12.12
C TYR A 823 9.10 -0.81 12.73
C1 NAG B . -1.40 -3.65 -10.54
C2 NAG B . -0.29 -4.46 -11.18
C3 NAG B . -0.19 -4.13 -12.67
C4 NAG B . -1.55 -4.28 -13.35
C5 NAG B . -2.64 -3.55 -12.59
C6 NAG B . -4.03 -3.88 -13.08
C7 NAG B . 1.58 -5.16 -9.75
C8 NAG B . 2.89 -4.79 -9.16
N2 NAG B . 0.98 -4.24 -10.52
O3 NAG B . 0.76 -5.00 -13.27
O4 NAG B . -1.47 -3.70 -14.64
O5 NAG B . -2.63 -3.94 -11.21
O6 NAG B . -4.25 -5.29 -13.04
O7 NAG B . 1.05 -6.25 -9.54
C1 NAG B . -1.79 -4.55 -15.68
C2 NAG B . -2.15 -3.64 -16.87
C3 NAG B . -2.38 -4.49 -18.12
C4 NAG B . -1.21 -5.43 -18.36
C5 NAG B . -0.95 -6.25 -17.10
C6 NAG B . 0.24 -7.17 -17.22
C7 NAG B . -3.25 -1.58 -16.10
C8 NAG B . -4.55 -0.91 -15.79
N2 NAG B . -3.32 -2.83 -16.55
O3 NAG B . -2.54 -3.63 -19.25
O4 NAG B . -1.50 -6.31 -19.44
O5 NAG B . -0.67 -5.35 -16.01
O6 NAG B . 1.43 -6.44 -17.51
O7 NAG B . -2.17 -1.01 -15.96
ZN ZN C . -1.59 18.04 3.13
ZN ZN D . -4.38 14.76 1.77
C1 TCI E . -11.79 10.25 -4.75
O1 TCI E . -10.09 11.47 -5.80
C2 TCI E . -12.97 10.18 -4.01
O2 TCI E . -13.70 13.71 -3.59
C3 TCI E . -13.58 11.35 -3.61
C4 TCI E . -13.01 12.58 -3.89
C5 TCI E . -11.78 12.68 -4.56
C6 TCI E . -11.23 11.49 -5.03
C7 TCI E . -10.88 13.89 -4.64
C8 TCI E . -11.40 15.22 -4.16
C9 TCI E . -10.99 16.39 -4.64
C10 TCI E . -10.03 16.49 -5.78
C11 TCI E . -9.38 15.17 -6.18
C12 TCI E . -10.35 13.98 -6.09
C13 TCI E . -9.79 12.65 -6.64
C14 TCI E . -8.28 12.62 -6.67
C15 TCI E . -10.34 12.36 -8.02
C16 TCI E . -11.43 17.69 -4.03
C17 TCI E . -13.54 8.84 -3.62
C18 TCI E . -12.57 7.94 -2.87
C19 TCI E . -12.54 8.21 -1.38
C20 TCI E . -12.08 7.01 -0.58
C21 TCI E . -12.65 5.72 -1.11
C18 5JK F . -11.45 15.21 -13.06
C13 5JK F . -12.19 14.41 -11.92
C12 5JK F . -11.25 13.33 -11.57
C11 5JK F . -10.98 12.32 -12.81
C9 5JK F . -12.29 11.76 -13.37
C10 5JK F . -12.03 10.76 -14.60
C19 5JK F . -11.17 11.51 -15.67
C1 5JK F . -11.16 9.58 -14.04
C2 5JK F . -11.14 8.40 -14.99
C3 5JK F . -12.55 7.97 -15.23
O1 5JK F . -12.57 6.77 -15.98
C4 5JK F . -13.37 9.03 -15.98
C5 5JK F . -13.32 10.35 -15.22
C6 5JK F . -14.45 11.42 -15.42
C7 5JK F . -14.67 12.29 -14.22
O2 5JK F . -15.16 11.49 -13.20
C8 5JK F . -13.28 12.95 -13.73
C14 5JK F . -13.51 13.85 -12.57
C15 5JK F . -14.49 15.18 -12.72
C16 5JK F . -14.06 16.11 -11.35
C17 5JK F . -12.70 15.53 -10.81
C20 5JK F . -11.88 16.66 -10.55
C21 5JK F . -10.48 16.29 -9.96
C22 5JK F . -12.70 17.40 -9.40
C23 5JK F . -11.99 18.66 -8.82
C24 5JK F . -12.87 19.07 -7.58
C25 5JK F . -12.39 20.41 -6.94
C27 5JK F . -12.84 21.59 -7.86
C26 5JK F . -10.84 20.41 -6.77
I IOD G . 10.05 -17.60 -19.26
I IOD H . 4.22 15.32 -5.24
I IOD I . 6.15 19.21 -12.13
I IOD J . -31.98 33.35 -19.32
S SCN K . 26.39 -17.89 0.68
C SCN K . 27.71 -16.66 0.66
N SCN K . 28.54 -15.82 0.59
C1 GOL L . -31.22 20.51 21.30
O1 GOL L . -32.38 19.91 21.81
C2 GOL L . -30.21 19.38 20.91
O2 GOL L . -29.23 19.83 20.02
C3 GOL L . -29.59 18.91 22.25
O3 GOL L . -28.20 18.91 22.05
C1 GOL M . -10.07 7.25 -18.78
O1 GOL M . -9.24 8.26 -18.21
C2 GOL M . -9.49 5.80 -18.50
O2 GOL M . -10.26 4.84 -19.12
C3 GOL M . -8.07 5.75 -19.08
O3 GOL M . -7.71 4.37 -19.12
C1 GOL N . 10.77 -0.97 -8.99
O1 GOL N . 9.60 -1.66 -8.68
C2 GOL N . 10.78 0.25 -8.04
O2 GOL N . 12.04 0.38 -7.52
C3 GOL N . 9.67 -0.07 -6.95
O3 GOL N . 9.46 1.04 -6.10
C1 GOL O . 10.63 -17.65 21.18
O1 GOL O . 10.18 -16.95 22.32
C2 GOL O . 11.97 -18.32 21.51
O2 GOL O . 12.90 -18.26 20.46
C3 GOL O . 12.46 -17.67 22.81
O3 GOL O . 13.86 -17.83 22.83
C1 GOL P . 36.59 -21.36 -7.27
O1 GOL P . 35.56 -20.46 -7.01
C2 GOL P . 36.15 -22.24 -8.46
O2 GOL P . 37.10 -23.25 -8.75
C3 GOL P . 34.77 -22.84 -8.04
O3 GOL P . 34.93 -24.26 -8.03
P PO4 Q . -1.89 17.78 0.36
O1 PO4 Q . -1.39 16.52 -0.33
O2 PO4 Q . -0.72 18.60 0.94
O3 PO4 Q . -2.83 17.33 1.49
O4 PO4 Q . -2.63 18.61 -0.65
C1 GOL R . -14.29 -8.43 0.76
O1 GOL R . -14.80 -7.22 0.27
C2 GOL R . -12.74 -8.34 0.74
O2 GOL R . -12.15 -9.57 0.92
C3 GOL R . -12.30 -7.72 -0.58
O3 GOL R . -10.95 -8.18 -0.76
S SCN S . 8.59 2.97 11.84
C SCN S . 8.80 4.76 11.90
N SCN S . 8.83 5.96 11.83
C1 GOL T . 11.02 -16.55 -11.70
O1 GOL T . 10.15 -17.66 -11.51
C2 GOL T . 12.07 -16.68 -10.56
O2 GOL T . 12.72 -15.50 -10.27
C3 GOL T . 11.25 -17.21 -9.35
O3 GOL T . 12.10 -17.23 -8.24
C1 GOL U . 11.64 7.51 6.29
O1 GOL U . 11.99 8.31 7.40
C2 GOL U . 12.76 7.66 5.25
O2 GOL U . 14.04 7.63 5.84
C3 GOL U . 12.52 6.49 4.26
O3 GOL U . 12.38 5.32 5.03
I IOD V . -22.96 20.46 -27.57
I IOD W . -15.64 27.68 -6.79
I IOD X . -5.00 18.74 22.70
I IOD Y . -12.20 -19.10 2.30
I IOD Z . 19.87 31.08 -1.91
I IOD AA . -26.68 3.69 -14.46
I IOD BA . 32.83 -30.22 -12.64
I IOD CA . -32.78 16.11 5.66
I IOD DA . -15.94 18.76 7.71
I IOD EA . 10.24 22.59 0.34
I IOD FA . 11.41 -25.62 14.41
I IOD GA . -2.84 6.86 -17.38
I IOD HA . 0.90 7.25 -17.69
I IOD IA . -14.97 -0.68 -20.57
I IOD JA . 0.05 3.55 -20.56
CA CA KA . 9.31 -7.41 -14.92
CA CA LA . 34.26 -13.57 -10.87
NA NA MA . -7.69 15.41 -22.58
#